data_6S23
#
_entry.id   6S23
#
_cell.length_a   56.693
_cell.length_b   76.421
_cell.length_c   86.334
_cell.angle_alpha   90.00
_cell.angle_beta   93.40
_cell.angle_gamma   90.00
#
_symmetry.space_group_name_H-M   'P 1 21 1'
#
loop_
_entity.id
_entity.type
_entity.pdbx_description
1 polymer 'NADPH2 dehydrogenase-like protein'
2 non-polymer 'FLAVIN MONONUCLEOTIDE'
3 non-polymer 2-methylcyclopenta-2,4-dien-1-one
4 non-polymer 'MAGNESIUM ION'
5 water water
#
_entity_poly.entity_id   1
_entity_poly.type   'polypeptide(L)'
_entity_poly.pdbx_seq_one_letter_code
;MGSSHHHHHHSSGLVPRGSHMLKLLEPFDLNGLELANRMVMAPLTRNRAGPRFVPTKMNALYYAQRSGLGLIITEATQIS
QQGMGYPDTPGIYTDEQVDGWRMVTEAVHRREGCIFLQLWHVGRVSHSSFQPNGQLPVAPSAIAPEGEVMTYDGIKPFET
PRALETEEVAHIVEDYRKAAINAKRAGFDGIEIHSANGYLLHEFLEDGTNKRTDRYGGSIENRARIVFEVLDAVCKVYPS
RRVGIRLSPDTEFMSMSDSDRPALYSYLVQELSRRELAYLHLIEPRIKGNVDVEKESSLNVEFFRPLYKGVLITAGGYQK
ETGEERLQKQHADLVAYGRWVIANPDLPSRFEQNAPLNPYDRATFYGGNEKGYTDYPFLDPRDSQEALKEAEAAERKWRR
L
;
_entity_poly.pdbx_strand_id   A,B
#
loop_
_chem_comp.id
_chem_comp.type
_chem_comp.name
_chem_comp.formula
FMN non-polymer 'FLAVIN MONONUCLEOTIDE' 'C17 H21 N4 O9 P'
KSW non-polymer 2-methylcyclopenta-2,4-dien-1-one 'C6 H6 O'
MG non-polymer 'MAGNESIUM ION' 'Mg 2'
#
# COMPACT_ATOMS: atom_id res chain seq x y z
N MET A 21 41.18 13.24 -11.80
CA MET A 21 41.51 14.70 -11.59
C MET A 21 40.31 15.61 -11.88
N LEU A 22 39.16 15.09 -12.30
CA LEU A 22 38.03 16.00 -12.40
C LEU A 22 37.42 16.15 -11.01
N LYS A 23 37.28 17.39 -10.56
CA LYS A 23 36.43 17.64 -9.42
C LYS A 23 34.99 17.13 -9.64
N LEU A 24 34.46 17.13 -10.86
CA LEU A 24 33.10 16.62 -11.00
C LEU A 24 32.99 15.19 -10.46
N LEU A 25 34.16 14.52 -10.33
CA LEU A 25 34.26 13.06 -10.14
C LEU A 25 34.70 12.69 -8.74
N GLU A 26 34.88 13.73 -7.90
CA GLU A 26 35.19 13.59 -6.49
C GLU A 26 33.96 13.15 -5.69
N PRO A 27 34.05 12.03 -4.90
CA PRO A 27 32.98 11.66 -3.97
C PRO A 27 32.73 12.84 -3.04
N PHE A 28 31.47 13.00 -2.70
CA PHE A 28 31.05 14.13 -1.90
C PHE A 28 30.13 13.61 -0.82
N ASP A 29 30.23 14.24 0.36
CA ASP A 29 29.50 13.83 1.54
C ASP A 29 28.28 14.74 1.68
N LEU A 30 27.07 14.18 1.56
CA LEU A 30 25.89 15.03 1.64
C LEU A 30 25.21 14.88 3.01
N ASN A 31 25.74 15.60 4.01
CA ASN A 31 25.31 15.52 5.39
C ASN A 31 25.01 14.07 5.74
N GLY A 32 25.92 13.13 5.38
CA GLY A 32 25.71 11.71 5.67
C GLY A 32 25.64 10.80 4.44
N LEU A 33 25.12 11.31 3.32
CA LEU A 33 25.01 10.50 2.12
C LEU A 33 26.33 10.57 1.39
N GLU A 34 26.88 9.39 1.10
CA GLU A 34 28.17 9.21 0.45
C GLU A 34 27.99 9.22 -1.07
N LEU A 35 27.94 10.41 -1.69
CA LEU A 35 27.70 10.52 -3.13
C LEU A 35 28.96 10.03 -3.85
N ALA A 36 28.75 9.28 -4.94
CA ALA A 36 29.83 8.68 -5.73
C ALA A 36 30.72 9.74 -6.37
N ASN A 37 30.15 10.94 -6.61
CA ASN A 37 30.79 12.02 -7.35
C ASN A 37 30.00 13.30 -7.10
N ARG A 38 30.36 14.37 -7.81
CA ARG A 38 29.70 15.65 -7.58
C ARG A 38 28.70 15.96 -8.67
N MET A 39 28.22 14.93 -9.41
CA MET A 39 27.30 15.10 -10.54
C MET A 39 25.88 14.61 -10.20
N VAL A 40 24.89 15.40 -10.66
CA VAL A 40 23.50 15.15 -10.27
C VAL A 40 22.66 14.94 -11.54
N MET A 41 21.79 13.96 -11.53
CA MET A 41 20.77 13.85 -12.55
C MET A 41 19.68 14.87 -12.19
N ALA A 42 19.60 15.97 -12.93
CA ALA A 42 18.50 16.91 -12.88
C ALA A 42 17.15 16.19 -12.97
N PRO A 43 16.09 16.74 -12.36
CA PRO A 43 14.74 16.18 -12.48
C PRO A 43 14.21 16.29 -13.92
N LEU A 44 13.57 15.22 -14.45
CA LEU A 44 13.15 15.20 -15.84
C LEU A 44 11.84 14.46 -16.02
N THR A 45 10.77 15.20 -16.32
CA THR A 45 9.49 14.66 -16.76
C THR A 45 9.66 13.82 -18.04
N ARG A 46 9.28 12.53 -17.99
CA ARG A 46 9.43 11.60 -19.12
C ARG A 46 8.09 11.09 -19.62
N ASN A 47 7.04 11.37 -18.84
CA ASN A 47 5.64 11.08 -19.19
C ASN A 47 5.47 9.59 -19.47
N ARG A 48 6.01 8.75 -18.59
CA ARG A 48 5.91 7.33 -18.87
C ARG A 48 5.39 6.58 -17.64
N ALA A 49 4.44 7.15 -16.87
CA ALA A 49 3.84 6.35 -15.80
C ALA A 49 2.91 5.29 -16.38
N GLY A 50 2.74 4.21 -15.62
CA GLY A 50 1.72 3.19 -15.82
C GLY A 50 0.33 3.78 -15.57
N PRO A 51 -0.78 2.99 -15.69
CA PRO A 51 -2.12 3.51 -15.38
C PRO A 51 -2.26 4.02 -13.94
N ARG A 52 -3.06 5.07 -13.74
CA ARG A 52 -3.26 5.70 -12.43
C ARG A 52 -1.93 6.26 -11.88
N PHE A 53 -1.06 6.70 -12.79
CA PHE A 53 0.16 7.41 -12.43
C PHE A 53 1.11 6.56 -11.58
N VAL A 54 1.17 5.27 -11.83
CA VAL A 54 1.93 4.35 -11.00
C VAL A 54 3.22 4.00 -11.72
N PRO A 55 4.41 4.21 -11.13
CA PRO A 55 5.65 3.79 -11.79
C PRO A 55 5.71 2.28 -12.11
N THR A 56 6.44 1.92 -13.16
CA THR A 56 6.57 0.55 -13.61
C THR A 56 8.03 0.13 -13.56
N LYS A 57 8.24 -1.14 -13.92
CA LYS A 57 9.56 -1.73 -14.05
C LYS A 57 10.44 -0.96 -15.05
N MET A 58 9.87 -0.59 -16.20
CA MET A 58 10.58 0.21 -17.18
C MET A 58 11.15 1.49 -16.54
N ASN A 59 10.35 2.13 -15.65
CA ASN A 59 10.76 3.33 -14.94
C ASN A 59 11.96 3.06 -14.02
N ALA A 60 11.92 1.92 -13.32
CA ALA A 60 13.01 1.45 -12.50
C ALA A 60 14.24 1.13 -13.37
N LEU A 61 14.05 0.59 -14.57
CA LEU A 61 15.25 0.33 -15.38
C LEU A 61 15.95 1.66 -15.63
N TYR A 62 15.15 2.66 -15.99
CA TYR A 62 15.67 3.94 -16.39
C TYR A 62 16.47 4.58 -15.25
N TYR A 63 15.89 4.54 -14.03
CA TYR A 63 16.62 5.11 -12.92
C TYR A 63 17.82 4.21 -12.56
N ALA A 64 17.62 2.87 -12.58
CA ALA A 64 18.72 1.98 -12.26
C ALA A 64 19.90 2.27 -13.19
N GLN A 65 19.60 2.47 -14.48
CA GLN A 65 20.64 2.68 -15.46
C GLN A 65 21.50 3.90 -15.10
N ARG A 66 20.93 4.88 -14.40
CA ARG A 66 21.54 6.20 -14.28
C ARG A 66 22.12 6.37 -12.88
N SER A 67 22.45 5.26 -12.24
CA SER A 67 22.59 5.28 -10.79
C SER A 67 24.06 5.50 -10.43
N GLY A 68 24.92 5.59 -11.44
CA GLY A 68 26.30 6.05 -11.27
C GLY A 68 26.43 7.57 -11.18
N LEU A 69 25.33 8.31 -11.41
CA LEU A 69 25.24 9.72 -11.01
C LEU A 69 25.25 9.76 -9.48
N GLY A 70 26.04 10.70 -8.91
CA GLY A 70 26.15 10.87 -7.48
C GLY A 70 24.80 10.92 -6.76
N LEU A 71 23.87 11.75 -7.24
CA LEU A 71 22.51 11.88 -6.75
C LEU A 71 21.54 11.93 -7.94
N ILE A 72 20.44 11.18 -7.84
CA ILE A 72 19.32 11.27 -8.78
C ILE A 72 18.21 12.11 -8.14
N ILE A 73 17.74 13.15 -8.83
CA ILE A 73 16.45 13.77 -8.51
C ILE A 73 15.45 13.28 -9.55
N THR A 74 14.33 12.71 -9.11
CA THR A 74 13.32 12.19 -10.03
C THR A 74 12.64 13.30 -10.83
N GLU A 75 11.93 12.88 -11.89
CA GLU A 75 10.90 13.68 -12.54
C GLU A 75 9.96 14.28 -11.50
N ALA A 76 9.47 15.48 -11.81
CA ALA A 76 8.44 16.10 -11.02
C ALA A 76 7.32 15.09 -10.83
N THR A 77 6.91 14.90 -9.56
CA THR A 77 5.90 13.91 -9.15
C THR A 77 4.76 14.63 -8.43
N GLN A 78 3.56 14.62 -9.01
CA GLN A 78 2.45 15.35 -8.41
C GLN A 78 2.04 14.76 -7.05
N ILE A 79 1.78 15.69 -6.11
CA ILE A 79 1.37 15.39 -4.75
C ILE A 79 -0.13 15.10 -4.69
N SER A 80 -0.84 15.31 -5.79
CA SER A 80 -2.28 15.09 -5.84
C SER A 80 -2.69 15.19 -7.31
N GLN A 81 -3.84 14.63 -7.68
CA GLN A 81 -4.39 14.84 -9.01
C GLN A 81 -4.47 16.33 -9.35
N GLN A 82 -4.89 17.16 -8.39
CA GLN A 82 -5.00 18.61 -8.60
C GLN A 82 -3.65 19.21 -9.05
N GLY A 83 -2.56 18.47 -8.82
CA GLY A 83 -1.22 18.98 -9.05
C GLY A 83 -0.62 18.54 -10.40
N MET A 84 -1.42 17.87 -11.24
CA MET A 84 -0.91 17.30 -12.47
C MET A 84 -1.35 18.21 -13.63
N GLY A 85 -0.42 18.41 -14.59
CA GLY A 85 -0.72 19.17 -15.79
C GLY A 85 -0.20 18.53 -17.08
N TYR A 86 0.38 17.33 -16.99
CA TYR A 86 0.84 16.66 -18.20
C TYR A 86 0.49 15.18 -18.12
N PRO A 87 0.23 14.48 -19.24
CA PRO A 87 -0.24 13.12 -19.14
C PRO A 87 0.86 12.17 -18.67
N ASP A 88 0.43 11.13 -17.94
CA ASP A 88 1.26 10.01 -17.51
C ASP A 88 2.51 10.51 -16.77
N THR A 89 2.34 11.53 -15.92
CA THR A 89 3.40 11.79 -14.95
C THR A 89 3.14 10.93 -13.71
N PRO A 90 4.15 10.47 -12.97
CA PRO A 90 3.86 9.71 -11.77
C PRO A 90 3.39 10.59 -10.61
N GLY A 91 2.54 9.98 -9.78
CA GLY A 91 2.05 10.58 -8.57
C GLY A 91 2.69 9.93 -7.35
N ILE A 92 2.39 10.53 -6.20
CA ILE A 92 2.94 10.06 -4.95
C ILE A 92 1.85 10.22 -3.90
N TYR A 93 0.57 10.12 -4.28
CA TYR A 93 -0.50 10.36 -3.34
C TYR A 93 -1.34 9.09 -3.12
N THR A 94 -1.05 7.97 -3.79
CA THR A 94 -1.80 6.76 -3.46
C THR A 94 -0.82 5.65 -3.07
N ASP A 95 -1.34 4.64 -2.37
CA ASP A 95 -0.56 3.49 -1.94
C ASP A 95 0.01 2.76 -3.16
N GLU A 96 -0.81 2.68 -4.20
CA GLU A 96 -0.47 1.94 -5.40
C GLU A 96 0.70 2.64 -6.09
N GLN A 97 0.72 3.98 -6.00
CA GLN A 97 1.85 4.73 -6.52
C GLN A 97 3.11 4.47 -5.69
N VAL A 98 2.95 4.50 -4.37
CA VAL A 98 4.10 4.23 -3.51
C VAL A 98 4.71 2.85 -3.86
N ASP A 99 3.86 1.79 -3.94
CA ASP A 99 4.35 0.47 -4.33
C ASP A 99 5.18 0.50 -5.61
N GLY A 100 4.74 1.31 -6.58
CA GLY A 100 5.43 1.41 -7.85
C GLY A 100 6.81 2.07 -7.69
N TRP A 101 6.84 3.16 -6.93
CA TRP A 101 8.10 3.80 -6.66
C TRP A 101 9.04 2.88 -5.88
N ARG A 102 8.53 1.93 -5.09
CA ARG A 102 9.42 1.05 -4.34
C ARG A 102 10.36 0.28 -5.28
N MET A 103 9.86 -0.15 -6.45
CA MET A 103 10.72 -0.81 -7.43
C MET A 103 11.87 0.11 -7.84
N VAL A 104 11.60 1.39 -7.91
CA VAL A 104 12.58 2.35 -8.39
C VAL A 104 13.67 2.54 -7.35
N THR A 105 13.28 2.86 -6.10
CA THR A 105 14.19 3.08 -4.97
C THR A 105 15.05 1.83 -4.72
N GLU A 106 14.42 0.65 -4.67
CA GLU A 106 15.09 -0.62 -4.56
C GLU A 106 16.19 -0.76 -5.58
N ALA A 107 15.82 -0.66 -6.88
CA ALA A 107 16.80 -0.84 -7.95
C ALA A 107 17.93 0.19 -7.85
N VAL A 108 17.62 1.45 -7.53
CA VAL A 108 18.73 2.38 -7.43
C VAL A 108 19.61 2.00 -6.23
N HIS A 109 19.01 1.49 -5.14
CA HIS A 109 19.85 1.26 -3.97
C HIS A 109 20.72 0.04 -4.19
N ARG A 110 20.23 -0.95 -4.96
CA ARG A 110 21.02 -2.14 -5.22
C ARG A 110 22.25 -1.78 -6.04
N ARG A 111 22.15 -0.67 -6.78
CA ARG A 111 23.24 -0.18 -7.59
C ARG A 111 24.09 0.83 -6.83
N GLU A 112 23.78 1.09 -5.55
CA GLU A 112 24.59 1.82 -4.58
C GLU A 112 24.45 3.30 -4.90
N GLY A 113 23.22 3.65 -5.26
CA GLY A 113 22.85 4.99 -5.68
C GLY A 113 22.09 5.70 -4.57
N CYS A 114 21.81 6.96 -4.85
CA CYS A 114 21.11 7.80 -3.92
C CYS A 114 20.04 8.51 -4.72
N ILE A 115 18.87 8.73 -4.14
CA ILE A 115 17.78 9.29 -4.92
C ILE A 115 16.79 10.06 -4.01
N PHE A 116 16.29 11.18 -4.53
CA PHE A 116 15.31 12.03 -3.89
C PHE A 116 14.10 12.17 -4.82
N LEU A 117 12.91 12.21 -4.24
CA LEU A 117 11.71 12.42 -5.04
C LEU A 117 11.40 13.93 -5.13
N GLN A 118 11.24 14.46 -6.34
CA GLN A 118 10.91 15.87 -6.49
C GLN A 118 9.40 16.04 -6.36
N LEU A 119 8.93 16.82 -5.37
CA LEU A 119 7.48 16.89 -5.19
C LEU A 119 6.90 18.10 -5.92
N TRP A 120 5.79 17.86 -6.61
CA TRP A 120 5.28 18.74 -7.65
C TRP A 120 3.84 19.15 -7.37
N HIS A 121 3.55 20.44 -7.54
CA HIS A 121 2.20 20.89 -7.83
C HIS A 121 2.31 21.88 -9.00
N VAL A 122 1.64 21.57 -10.12
CA VAL A 122 1.77 22.33 -11.37
C VAL A 122 1.14 23.74 -11.25
N GLY A 123 0.30 23.94 -10.24
CA GLY A 123 -0.44 25.19 -10.12
C GLY A 123 -1.41 25.40 -11.29
N ARG A 124 -1.30 26.59 -11.90
CA ARG A 124 -2.13 27.06 -13.01
C ARG A 124 -1.70 26.43 -14.34
N VAL A 125 -0.51 25.79 -14.37
CA VAL A 125 0.01 25.15 -15.57
C VAL A 125 -0.60 23.76 -15.70
N SER A 126 -1.89 23.75 -16.04
CA SER A 126 -2.70 22.55 -16.11
C SER A 126 -3.94 22.82 -16.97
N HIS A 127 -4.97 21.96 -16.87
CA HIS A 127 -6.21 22.09 -17.62
C HIS A 127 -7.30 21.26 -16.94
N SER A 128 -8.54 21.79 -16.86
CA SER A 128 -9.70 21.14 -16.25
C SER A 128 -9.79 19.67 -16.66
N SER A 129 -9.36 19.38 -17.89
CA SER A 129 -9.35 18.02 -18.41
C SER A 129 -8.49 17.07 -17.56
N PHE A 130 -7.49 17.61 -16.85
CA PHE A 130 -6.63 16.83 -15.98
C PHE A 130 -7.20 16.72 -14.57
N GLN A 131 -8.15 17.62 -14.26
CA GLN A 131 -8.55 17.89 -12.88
C GLN A 131 -9.73 16.98 -12.48
N PRO A 132 -9.72 16.51 -11.20
CA PRO A 132 -10.89 15.86 -10.61
C PRO A 132 -12.14 16.69 -10.85
N ASN A 133 -13.16 16.05 -11.44
CA ASN A 133 -14.48 16.60 -11.73
C ASN A 133 -14.42 17.71 -12.77
N GLY A 134 -13.29 17.85 -13.48
CA GLY A 134 -13.12 18.92 -14.48
C GLY A 134 -13.18 20.32 -13.88
N GLN A 135 -12.62 20.43 -12.67
CA GLN A 135 -12.49 21.68 -11.96
C GLN A 135 -11.33 22.44 -12.57
N LEU A 136 -11.31 23.74 -12.32
CA LEU A 136 -10.28 24.63 -12.80
C LEU A 136 -8.97 24.32 -12.08
N PRO A 137 -7.81 24.47 -12.73
CA PRO A 137 -6.52 24.49 -12.02
C PRO A 137 -6.55 25.61 -10.99
N VAL A 138 -5.68 25.48 -10.00
CA VAL A 138 -5.59 26.45 -8.91
C VAL A 138 -4.26 27.17 -8.97
N ALA A 139 -4.25 28.39 -8.43
CA ALA A 139 -3.12 29.31 -8.49
C ALA A 139 -3.26 30.31 -7.36
N PRO A 140 -2.25 31.19 -7.13
CA PRO A 140 -2.46 32.35 -6.25
C PRO A 140 -3.63 33.20 -6.72
N SER A 141 -3.74 33.38 -8.04
CA SER A 141 -4.59 34.44 -8.56
C SER A 141 -5.22 34.01 -9.87
N ALA A 142 -6.36 34.61 -10.22
CA ALA A 142 -7.03 34.14 -11.41
C ALA A 142 -6.40 34.78 -12.67
N ILE A 143 -5.19 34.32 -13.04
CA ILE A 143 -4.49 34.78 -14.23
C ILE A 143 -3.92 33.60 -15.02
N ALA A 144 -4.49 33.40 -16.22
CA ALA A 144 -4.06 32.33 -17.13
C ALA A 144 -2.63 32.55 -17.65
N PRO A 145 -1.77 31.49 -17.77
CA PRO A 145 -0.50 31.60 -18.51
C PRO A 145 -0.80 31.83 -19.98
N GLU A 146 0.16 32.39 -20.70
CA GLU A 146 -0.05 32.60 -22.13
C GLU A 146 0.14 31.25 -22.86
N GLY A 147 -0.50 31.14 -24.04
CA GLY A 147 -0.33 30.03 -24.96
C GLY A 147 -1.29 28.86 -24.69
N GLU A 148 -0.80 27.63 -24.93
CA GLU A 148 -1.61 26.45 -25.12
C GLU A 148 -0.98 25.26 -24.41
N VAL A 149 -1.84 24.30 -24.03
CA VAL A 149 -1.55 23.18 -23.13
C VAL A 149 -2.14 21.91 -23.76
N MET A 150 -1.27 20.91 -23.91
CA MET A 150 -1.58 19.59 -24.43
C MET A 150 -2.52 18.89 -23.45
N THR A 151 -3.66 18.38 -23.96
CA THR A 151 -4.58 17.63 -23.11
C THR A 151 -4.95 16.28 -23.74
N TYR A 152 -5.84 15.52 -23.09
CA TYR A 152 -6.19 14.20 -23.60
C TYR A 152 -6.83 14.32 -24.96
N ASP A 153 -7.50 15.46 -25.21
CA ASP A 153 -8.16 15.75 -26.48
C ASP A 153 -7.43 16.75 -27.37
N GLY A 154 -6.08 16.70 -27.40
CA GLY A 154 -5.28 17.56 -28.28
C GLY A 154 -4.97 18.91 -27.62
N ILE A 155 -4.43 19.87 -28.41
CA ILE A 155 -3.93 21.14 -27.88
C ILE A 155 -5.11 22.09 -27.61
N LYS A 156 -5.12 22.71 -26.42
CA LYS A 156 -6.20 23.63 -26.08
C LYS A 156 -5.59 24.87 -25.42
N PRO A 157 -6.29 26.04 -25.44
CA PRO A 157 -5.76 27.24 -24.81
C PRO A 157 -5.83 27.05 -23.30
N PHE A 158 -4.86 27.63 -22.60
CA PHE A 158 -4.92 27.73 -21.14
C PHE A 158 -6.22 28.41 -20.70
N GLU A 159 -6.82 27.88 -19.61
CA GLU A 159 -8.01 28.42 -18.99
C GLU A 159 -7.53 29.36 -17.89
N THR A 160 -8.32 30.40 -17.57
CA THR A 160 -8.22 31.15 -16.32
C THR A 160 -8.30 30.19 -15.12
N PRO A 161 -7.25 30.03 -14.28
CA PRO A 161 -7.32 29.08 -13.16
C PRO A 161 -8.08 29.70 -11.98
N ARG A 162 -8.48 28.88 -10.99
CA ARG A 162 -9.23 29.40 -9.85
C ARG A 162 -8.28 29.82 -8.73
N ALA A 163 -8.50 31.04 -8.21
CA ALA A 163 -7.77 31.63 -7.08
C ALA A 163 -8.12 30.89 -5.79
N LEU A 164 -7.10 30.34 -5.11
CA LEU A 164 -7.26 29.52 -3.92
C LEU A 164 -7.68 30.44 -2.77
N GLU A 165 -8.65 29.97 -1.96
CA GLU A 165 -9.07 30.66 -0.75
C GLU A 165 -7.94 30.52 0.27
N THR A 166 -7.79 31.51 1.16
CA THR A 166 -6.80 31.56 2.24
C THR A 166 -6.65 30.19 2.91
N GLU A 167 -7.76 29.73 3.50
CA GLU A 167 -8.01 28.47 4.18
C GLU A 167 -7.57 27.24 3.39
N GLU A 168 -7.40 27.36 2.07
CA GLU A 168 -7.11 26.18 1.29
C GLU A 168 -5.62 25.98 1.13
N VAL A 169 -4.83 27.01 1.45
CA VAL A 169 -3.38 26.87 1.33
C VAL A 169 -2.92 25.80 2.33
N ALA A 170 -3.52 25.82 3.53
CA ALA A 170 -3.25 24.82 4.55
C ALA A 170 -3.38 23.41 3.95
N HIS A 171 -4.41 23.17 3.12
CA HIS A 171 -4.70 21.83 2.63
C HIS A 171 -3.68 21.42 1.57
N ILE A 172 -3.15 22.39 0.83
CA ILE A 172 -2.08 22.07 -0.08
C ILE A 172 -0.81 21.67 0.66
N VAL A 173 -0.51 22.38 1.75
CA VAL A 173 0.66 22.10 2.56
C VAL A 173 0.57 20.66 3.06
N GLU A 174 -0.64 20.25 3.41
CA GLU A 174 -0.89 18.94 4.01
C GLU A 174 -0.71 17.88 2.92
N ASP A 175 -1.08 18.20 1.68
CA ASP A 175 -0.80 17.31 0.56
C ASP A 175 0.70 17.06 0.46
N TYR A 176 1.51 18.13 0.51
CA TYR A 176 2.97 17.97 0.51
C TYR A 176 3.43 17.10 1.68
N ARG A 177 2.84 17.31 2.85
CA ARG A 177 3.29 16.53 3.99
C ARG A 177 2.96 15.05 3.77
N LYS A 178 1.70 14.74 3.38
CA LYS A 178 1.31 13.37 3.02
C LYS A 178 2.21 12.81 1.92
N ALA A 179 2.53 13.68 0.97
CA ALA A 179 3.39 13.26 -0.12
C ALA A 179 4.77 12.89 0.41
N ALA A 180 5.28 13.64 1.39
CA ALA A 180 6.60 13.31 1.94
C ALA A 180 6.55 12.02 2.76
N ILE A 181 5.46 11.81 3.51
CA ILE A 181 5.19 10.56 4.20
C ILE A 181 5.23 9.43 3.17
N ASN A 182 4.54 9.60 2.06
CA ASN A 182 4.54 8.54 1.06
C ASN A 182 5.95 8.30 0.51
N ALA A 183 6.70 9.39 0.27
CA ALA A 183 8.06 9.32 -0.23
C ALA A 183 8.93 8.51 0.72
N LYS A 184 8.92 8.88 2.00
CA LYS A 184 9.73 8.17 2.98
C LYS A 184 9.35 6.69 2.92
N ARG A 185 8.04 6.40 2.84
CA ARG A 185 7.62 5.00 2.83
C ARG A 185 8.10 4.29 1.56
N ALA A 186 8.10 5.00 0.42
CA ALA A 186 8.63 4.45 -0.82
C ALA A 186 10.14 4.15 -0.78
N GLY A 187 10.85 4.80 0.13
CA GLY A 187 12.25 4.49 0.40
C GLY A 187 13.24 5.49 -0.23
N PHE A 188 12.73 6.67 -0.59
CA PHE A 188 13.57 7.73 -1.12
C PHE A 188 14.50 8.23 -0.02
N ASP A 189 15.73 8.55 -0.42
CA ASP A 189 16.75 9.08 0.48
C ASP A 189 16.38 10.49 0.95
N GLY A 190 15.61 11.22 0.14
CA GLY A 190 15.15 12.54 0.53
C GLY A 190 14.17 13.09 -0.50
N ILE A 191 13.85 14.38 -0.37
CA ILE A 191 12.83 14.96 -1.23
C ILE A 191 13.31 16.32 -1.70
N GLU A 192 12.85 16.69 -2.90
CA GLU A 192 13.11 18.03 -3.38
C GLU A 192 11.77 18.71 -3.69
N ILE A 193 11.55 19.88 -3.07
CA ILE A 193 10.39 20.70 -3.29
C ILE A 193 10.61 21.47 -4.58
N HIS A 194 9.72 21.21 -5.56
CA HIS A 194 9.84 21.92 -6.81
C HIS A 194 9.21 23.31 -6.64
N SER A 195 10.05 24.36 -6.64
CA SER A 195 9.55 25.70 -6.43
C SER A 195 9.97 26.53 -7.63
N ALA A 196 10.20 25.84 -8.77
CA ALA A 196 10.74 26.52 -9.93
C ALA A 196 9.80 26.48 -11.14
N ASN A 197 10.22 27.13 -12.23
CA ASN A 197 9.73 26.82 -13.56
C ASN A 197 8.20 27.01 -13.68
N GLY A 198 7.62 27.99 -12.97
CA GLY A 198 6.30 28.49 -13.36
C GLY A 198 5.11 27.82 -12.68
N TYR A 199 5.39 26.85 -11.78
CA TYR A 199 4.41 26.00 -11.10
C TYR A 199 3.95 26.60 -9.78
N LEU A 200 3.13 25.83 -9.04
CA LEU A 200 2.28 26.42 -8.01
C LEU A 200 3.04 27.38 -7.08
N LEU A 201 4.19 26.90 -6.57
CA LEU A 201 4.97 27.56 -5.52
C LEU A 201 5.63 28.82 -6.09
N HIS A 202 6.19 28.65 -7.29
CA HIS A 202 6.76 29.73 -8.07
C HIS A 202 5.71 30.80 -8.35
N GLU A 203 4.50 30.40 -8.78
CA GLU A 203 3.46 31.40 -8.98
C GLU A 203 3.23 32.21 -7.71
N PHE A 204 3.27 31.54 -6.55
CA PHE A 204 3.17 32.25 -5.28
C PHE A 204 4.30 33.26 -5.10
N LEU A 205 5.52 32.94 -5.56
CA LEU A 205 6.68 33.78 -5.24
C LEU A 205 6.65 35.10 -6.01
N GLU A 206 6.27 35.05 -7.30
CA GLU A 206 6.50 36.20 -8.15
C GLU A 206 5.23 37.07 -8.23
N ASP A 207 5.40 38.38 -8.29
CA ASP A 207 4.24 39.23 -8.13
C ASP A 207 3.55 39.48 -9.46
N GLY A 208 4.13 38.97 -10.56
CA GLY A 208 3.46 38.90 -11.84
C GLY A 208 2.33 37.88 -11.83
N THR A 209 2.43 36.85 -10.98
CA THR A 209 1.43 35.79 -10.89
C THR A 209 0.57 35.93 -9.62
N ASN A 210 1.16 36.51 -8.57
CA ASN A 210 0.56 36.60 -7.25
C ASN A 210 0.03 38.02 -7.04
N LYS A 211 -1.31 38.19 -7.07
CA LYS A 211 -1.92 39.49 -6.82
C LYS A 211 -2.75 39.47 -5.53
N ARG A 212 -2.50 38.50 -4.65
CA ARG A 212 -3.34 38.31 -3.48
C ARG A 212 -3.14 39.47 -2.52
N THR A 213 -4.14 39.62 -1.66
CA THR A 213 -4.22 40.68 -0.67
C THR A 213 -4.17 40.07 0.73
N ASP A 214 -4.22 38.73 0.81
CA ASP A 214 -4.12 38.08 2.10
C ASP A 214 -2.66 37.95 2.51
N ARG A 215 -2.46 37.09 3.51
CA ARG A 215 -1.19 36.93 4.17
C ARG A 215 -0.20 36.14 3.28
N TYR A 216 -0.60 35.78 2.06
CA TYR A 216 0.33 35.11 1.15
C TYR A 216 0.64 35.93 -0.11
N GLY A 217 0.15 37.18 -0.16
CA GLY A 217 0.43 38.10 -1.26
C GLY A 217 0.90 39.45 -0.73
N GLY A 218 1.39 40.29 -1.65
CA GLY A 218 1.76 41.65 -1.28
C GLY A 218 3.27 41.75 -1.09
N SER A 219 3.68 41.71 0.19
CA SER A 219 5.05 41.84 0.67
C SER A 219 5.88 40.62 0.24
N ILE A 220 7.20 40.83 0.10
CA ILE A 220 8.08 39.75 -0.34
C ILE A 220 7.97 38.58 0.64
N GLU A 221 7.97 38.88 1.95
CA GLU A 221 7.79 37.92 3.03
C GLU A 221 6.56 37.06 2.79
N ASN A 222 5.45 37.71 2.40
CA ASN A 222 4.15 37.07 2.30
C ASN A 222 4.15 36.06 1.16
N ARG A 223 4.70 36.46 0.01
CA ARG A 223 4.77 35.60 -1.17
C ARG A 223 5.52 34.30 -0.86
N ALA A 224 6.53 34.35 0.00
CA ALA A 224 7.35 33.19 0.32
C ALA A 224 6.70 32.35 1.41
N ARG A 225 5.70 32.91 2.10
CA ARG A 225 5.13 32.23 3.25
C ARG A 225 4.79 30.79 2.93
N ILE A 226 4.22 30.54 1.73
CA ILE A 226 3.76 29.19 1.44
C ILE A 226 4.97 28.25 1.36
N VAL A 227 6.09 28.78 0.83
CA VAL A 227 7.27 27.95 0.62
C VAL A 227 7.74 27.48 1.99
N PHE A 228 7.76 28.44 2.93
CA PHE A 228 8.17 28.13 4.30
C PHE A 228 7.19 27.17 4.98
N GLU A 229 5.88 27.28 4.74
CA GLU A 229 4.92 26.37 5.34
C GLU A 229 5.04 24.96 4.74
N VAL A 230 5.43 24.87 3.47
CA VAL A 230 5.58 23.55 2.90
C VAL A 230 6.78 22.93 3.59
N LEU A 231 7.86 23.69 3.66
CA LEU A 231 9.07 23.24 4.33
C LEU A 231 8.82 22.86 5.77
N ASP A 232 8.05 23.65 6.52
CA ASP A 232 7.76 23.27 7.88
C ASP A 232 7.14 21.88 7.89
N ALA A 233 6.17 21.68 6.98
CA ALA A 233 5.36 20.48 6.97
C ALA A 233 6.19 19.24 6.59
N VAL A 234 7.06 19.37 5.59
CA VAL A 234 7.81 18.19 5.18
C VAL A 234 8.94 17.86 6.18
N CYS A 235 9.51 18.88 6.85
CA CYS A 235 10.61 18.65 7.79
C CYS A 235 10.08 18.02 9.08
N LYS A 236 8.77 17.77 9.08
CA LYS A 236 8.13 16.98 10.13
C LYS A 236 8.11 15.51 9.71
N VAL A 237 8.57 15.20 8.49
CA VAL A 237 8.54 13.83 8.02
C VAL A 237 9.97 13.39 7.76
N TYR A 238 10.71 14.25 7.09
CA TYR A 238 12.12 14.01 6.89
C TYR A 238 12.92 15.01 7.72
N PRO A 239 14.17 14.64 8.11
CA PRO A 239 15.06 15.58 8.79
C PRO A 239 15.31 16.65 7.73
N SER A 240 15.53 17.88 8.15
CA SER A 240 15.66 19.00 7.20
C SER A 240 16.87 18.77 6.30
N ARG A 241 17.83 17.96 6.74
CA ARG A 241 19.03 17.68 5.98
C ARG A 241 18.74 16.70 4.83
N ARG A 242 17.46 16.34 4.68
CA ARG A 242 17.02 15.47 3.61
C ARG A 242 15.93 16.13 2.77
N VAL A 243 15.70 17.44 3.01
CA VAL A 243 14.78 18.19 2.17
C VAL A 243 15.62 19.18 1.35
N GLY A 244 15.50 19.04 0.03
CA GLY A 244 16.10 19.94 -0.94
C GLY A 244 15.08 20.87 -1.57
N ILE A 245 15.54 21.92 -2.25
CA ILE A 245 14.55 22.75 -2.89
C ILE A 245 15.17 23.36 -4.14
N ARG A 246 14.35 23.42 -5.22
CA ARG A 246 14.75 23.97 -6.51
C ARG A 246 14.07 25.31 -6.77
N LEU A 247 14.88 26.26 -7.22
CA LEU A 247 14.46 27.60 -7.61
C LEU A 247 14.95 27.88 -9.03
N SER A 248 14.17 28.74 -9.73
CA SER A 248 14.53 29.34 -11.01
C SER A 248 14.58 30.86 -10.84
N PRO A 249 15.72 31.36 -10.33
CA PRO A 249 15.87 32.79 -10.02
C PRO A 249 15.51 33.85 -11.06
N ASP A 250 15.36 33.46 -12.33
CA ASP A 250 15.15 34.45 -13.36
C ASP A 250 14.76 33.78 -14.67
N THR A 251 13.47 33.49 -14.85
CA THR A 251 13.06 32.84 -16.09
C THR A 251 11.70 33.36 -16.52
N GLU A 252 11.46 33.36 -17.83
CA GLU A 252 10.16 33.65 -18.43
C GLU A 252 9.31 32.38 -18.63
N PHE A 253 9.89 31.21 -18.33
CA PHE A 253 9.18 29.97 -18.61
C PHE A 253 7.77 30.08 -18.07
N MET A 254 6.79 29.86 -18.96
CA MET A 254 5.39 29.76 -18.60
C MET A 254 4.90 31.08 -17.99
N SER A 255 5.15 32.19 -18.71
CA SER A 255 4.55 33.47 -18.40
C SER A 255 4.83 33.85 -16.96
N MET A 256 6.04 33.54 -16.49
CA MET A 256 6.47 34.07 -15.20
C MET A 256 7.06 35.47 -15.36
N SER A 257 7.01 36.24 -14.28
CA SER A 257 7.64 37.54 -14.26
C SER A 257 7.46 38.11 -12.87
N ASP A 258 8.49 38.83 -12.39
CA ASP A 258 8.39 39.54 -11.12
C ASP A 258 8.95 40.96 -11.30
N SER A 259 8.41 41.90 -10.52
CA SER A 259 8.79 43.29 -10.67
C SER A 259 10.17 43.51 -10.09
N ASP A 260 10.66 42.56 -9.27
CA ASP A 260 11.96 42.76 -8.64
C ASP A 260 12.60 41.43 -8.24
N ARG A 261 13.16 40.72 -9.23
CA ARG A 261 13.67 39.38 -8.95
C ARG A 261 14.91 39.40 -8.06
N PRO A 262 15.89 40.33 -8.24
CA PRO A 262 17.01 40.45 -7.30
C PRO A 262 16.57 40.44 -5.83
N ALA A 263 15.60 41.29 -5.49
CA ALA A 263 15.18 41.51 -4.11
C ALA A 263 14.47 40.26 -3.57
N LEU A 264 13.55 39.68 -4.37
CA LEU A 264 12.74 38.53 -3.98
C LEU A 264 13.62 37.31 -3.74
N TYR A 265 14.59 37.07 -4.63
CA TYR A 265 15.42 35.86 -4.54
C TYR A 265 16.51 35.96 -3.46
N SER A 266 17.03 37.19 -3.21
CA SER A 266 18.00 37.46 -2.15
C SER A 266 17.46 37.10 -0.77
N TYR A 267 16.24 37.58 -0.48
CA TYR A 267 15.53 37.26 0.73
C TYR A 267 15.30 35.76 0.79
N LEU A 268 14.77 35.21 -0.29
CA LEU A 268 14.31 33.84 -0.23
C LEU A 268 15.50 32.91 0.02
N VAL A 269 16.70 33.27 -0.49
CA VAL A 269 17.83 32.36 -0.39
C VAL A 269 18.40 32.38 1.02
N GLN A 270 18.52 33.61 1.59
CA GLN A 270 19.06 33.86 2.93
C GLN A 270 18.17 33.22 4.00
N GLU A 271 16.84 33.37 3.91
CA GLU A 271 15.95 32.58 4.74
C GLU A 271 16.23 31.08 4.63
N LEU A 272 16.32 30.57 3.38
CA LEU A 272 16.58 29.16 3.12
C LEU A 272 17.89 28.71 3.76
N SER A 273 18.87 29.62 3.78
CA SER A 273 20.17 29.33 4.37
C SER A 273 20.01 28.87 5.83
N ARG A 274 19.01 29.42 6.54
CA ARG A 274 18.87 29.23 7.98
C ARG A 274 18.04 28.00 8.33
N ARG A 275 17.48 27.31 7.35
CA ARG A 275 16.59 26.18 7.58
C ARG A 275 17.36 24.86 7.58
N GLU A 276 18.70 24.96 7.44
CA GLU A 276 19.61 23.83 7.33
C GLU A 276 18.98 22.67 6.56
N LEU A 277 18.70 22.92 5.27
CA LEU A 277 18.13 21.95 4.34
C LEU A 277 19.28 21.14 3.75
N ALA A 278 18.92 20.10 2.99
CA ALA A 278 19.92 19.26 2.35
C ALA A 278 20.78 20.03 1.33
N TYR A 279 20.19 21.00 0.63
CA TYR A 279 20.80 21.71 -0.49
C TYR A 279 19.82 22.71 -1.09
N LEU A 280 20.39 23.65 -1.84
CA LEU A 280 19.65 24.56 -2.68
C LEU A 280 20.06 24.26 -4.12
N HIS A 281 19.05 24.15 -5.01
CA HIS A 281 19.14 23.74 -6.41
C HIS A 281 18.62 24.93 -7.23
N LEU A 282 19.56 25.54 -7.94
CA LEU A 282 19.45 26.75 -8.73
C LEU A 282 19.62 26.40 -10.21
N ILE A 283 18.65 26.86 -11.00
CA ILE A 283 18.69 26.75 -12.44
C ILE A 283 19.18 28.09 -12.99
N GLU A 284 20.18 28.00 -13.88
CA GLU A 284 20.81 29.11 -14.59
C GLU A 284 19.78 29.81 -15.48
N PRO A 285 19.80 31.16 -15.54
CA PRO A 285 18.85 31.90 -16.37
C PRO A 285 18.89 31.51 -17.84
N ARG A 286 20.02 30.96 -18.30
CA ARG A 286 20.09 30.55 -19.69
C ARG A 286 19.21 29.32 -19.99
N ILE A 287 18.39 28.86 -19.03
CA ILE A 287 17.43 27.80 -19.31
C ILE A 287 16.01 28.34 -19.21
N LYS A 288 15.21 28.16 -20.27
CA LYS A 288 13.80 28.48 -20.21
C LYS A 288 13.00 27.19 -20.09
N GLY A 289 12.96 26.60 -18.88
CA GLY A 289 12.27 25.35 -18.64
C GLY A 289 13.11 24.18 -19.16
N ASN A 290 12.97 23.87 -20.45
CA ASN A 290 13.51 22.66 -21.07
C ASN A 290 14.42 22.94 -22.28
N VAL A 291 14.52 24.21 -22.69
CA VAL A 291 15.24 24.69 -23.86
C VAL A 291 16.20 25.78 -23.38
N ASP A 292 17.18 26.10 -24.23
CA ASP A 292 18.19 27.11 -23.98
C ASP A 292 17.62 28.44 -24.44
N VAL A 293 17.89 29.52 -23.71
CA VAL A 293 17.52 30.84 -24.20
C VAL A 293 18.77 31.72 -24.13
N GLU A 294 18.94 32.62 -25.12
CA GLU A 294 19.86 33.73 -25.02
C GLU A 294 19.22 34.72 -24.03
N LYS A 295 20.01 35.15 -23.02
CA LYS A 295 19.44 35.95 -21.95
C LYS A 295 20.57 36.54 -21.10
N GLU A 296 20.46 37.85 -20.90
CA GLU A 296 21.24 38.57 -19.92
C GLU A 296 20.53 38.48 -18.56
N SER A 297 21.33 38.16 -17.53
CA SER A 297 20.94 38.17 -16.12
C SER A 297 22.21 38.07 -15.27
N SER A 298 22.31 38.89 -14.20
CA SER A 298 23.25 38.55 -13.13
C SER A 298 22.69 37.54 -12.10
N LEU A 299 21.43 37.08 -12.22
CA LEU A 299 20.93 36.16 -11.20
C LEU A 299 21.29 34.72 -11.55
N ASN A 300 22.59 34.47 -11.77
CA ASN A 300 23.08 33.11 -11.94
C ASN A 300 23.63 32.60 -10.60
N VAL A 301 24.43 31.54 -10.65
CA VAL A 301 24.80 30.82 -9.44
C VAL A 301 25.85 31.60 -8.66
N GLU A 302 26.74 32.32 -9.37
CA GLU A 302 27.81 33.13 -8.79
C GLU A 302 27.21 34.17 -7.85
N PHE A 303 26.05 34.74 -8.23
CA PHE A 303 25.38 35.74 -7.42
C PHE A 303 24.77 35.14 -6.14
N PHE A 304 24.36 33.85 -6.15
CA PHE A 304 23.77 33.23 -4.96
C PHE A 304 24.77 32.53 -4.04
N ARG A 305 25.87 32.00 -4.57
CA ARG A 305 26.86 31.34 -3.71
C ARG A 305 27.13 32.17 -2.45
N PRO A 306 27.44 33.48 -2.55
CA PRO A 306 27.56 34.31 -1.36
C PRO A 306 26.38 34.28 -0.38
N LEU A 307 25.16 34.10 -0.88
CA LEU A 307 23.96 34.33 -0.07
C LEU A 307 23.46 33.05 0.58
N TYR A 308 23.96 31.88 0.14
CA TYR A 308 23.51 30.59 0.64
C TYR A 308 24.66 29.84 1.29
N LYS A 309 24.46 29.42 2.54
CA LYS A 309 25.48 28.87 3.42
C LYS A 309 25.88 27.44 3.03
N GLY A 310 24.91 26.53 2.93
CA GLY A 310 25.15 25.09 2.82
C GLY A 310 25.45 24.58 1.42
N VAL A 311 24.94 23.38 1.07
CA VAL A 311 25.23 22.66 -0.16
C VAL A 311 24.41 23.21 -1.32
N LEU A 312 25.10 23.58 -2.41
CA LEU A 312 24.52 24.31 -3.52
C LEU A 312 24.65 23.51 -4.82
N ILE A 313 23.52 23.18 -5.46
CA ILE A 313 23.49 22.47 -6.75
C ILE A 313 23.24 23.49 -7.85
N THR A 314 24.14 23.57 -8.84
CA THR A 314 23.88 24.37 -10.03
C THR A 314 23.47 23.47 -11.19
N ALA A 315 22.47 23.96 -11.94
CA ALA A 315 21.92 23.25 -13.07
C ALA A 315 21.76 24.24 -14.23
N GLY A 316 21.92 23.74 -15.46
CA GLY A 316 21.35 24.46 -16.59
C GLY A 316 22.37 24.80 -17.67
N GLY A 317 22.28 24.03 -18.77
CA GLY A 317 23.11 24.21 -19.94
C GLY A 317 24.60 23.84 -19.78
N TYR A 318 24.95 22.99 -18.82
CA TYR A 318 26.37 22.77 -18.57
C TYR A 318 26.96 21.68 -19.47
N GLN A 319 28.29 21.74 -19.62
CA GLN A 319 29.07 20.74 -20.33
C GLN A 319 30.06 20.22 -19.30
N LYS A 320 30.87 19.25 -19.72
CA LYS A 320 31.90 18.79 -18.83
C LYS A 320 32.72 20.01 -18.38
N GLU A 321 33.31 20.77 -19.32
CA GLU A 321 34.21 21.84 -18.91
C GLU A 321 33.53 22.95 -18.10
N THR A 322 32.27 23.34 -18.38
CA THR A 322 31.75 24.50 -17.67
C THR A 322 31.29 24.08 -16.28
N GLY A 323 30.78 22.85 -16.16
CA GLY A 323 30.49 22.29 -14.86
C GLY A 323 31.74 22.19 -14.01
N GLU A 324 32.83 21.65 -14.58
CA GLU A 324 34.07 21.55 -13.83
C GLU A 324 34.51 22.93 -13.34
N GLU A 325 34.38 23.96 -14.16
CA GLU A 325 34.84 25.28 -13.76
C GLU A 325 34.02 25.76 -12.57
N ARG A 326 32.71 25.44 -12.54
CA ARG A 326 31.86 25.84 -11.43
C ARG A 326 32.42 25.26 -10.12
N LEU A 327 32.86 23.99 -10.15
CA LEU A 327 33.28 23.35 -8.91
C LEU A 327 34.69 23.85 -8.53
N GLN A 328 35.59 24.02 -9.51
CA GLN A 328 36.95 24.49 -9.22
C GLN A 328 36.93 25.86 -8.57
N LYS A 329 36.10 26.75 -9.11
CA LYS A 329 35.96 28.13 -8.66
C LYS A 329 35.03 28.18 -7.43
N GLN A 330 34.61 27.02 -6.90
CA GLN A 330 33.84 26.98 -5.67
C GLN A 330 32.52 27.75 -5.83
N HIS A 331 31.97 27.78 -7.04
CA HIS A 331 30.72 28.49 -7.33
C HIS A 331 29.50 27.68 -6.87
N ALA A 332 29.54 26.35 -7.09
CA ALA A 332 28.61 25.44 -6.44
C ALA A 332 29.39 24.22 -5.92
N ASP A 333 28.67 23.30 -5.23
CA ASP A 333 29.22 22.05 -4.70
C ASP A 333 28.88 20.83 -5.58
N LEU A 334 27.74 20.89 -6.30
CA LEU A 334 27.24 19.85 -7.19
C LEU A 334 26.74 20.48 -8.50
N VAL A 335 27.01 19.77 -9.62
CA VAL A 335 26.52 20.15 -10.94
C VAL A 335 25.46 19.15 -11.39
N ALA A 336 24.22 19.59 -11.66
CA ALA A 336 23.17 18.76 -12.25
C ALA A 336 23.23 18.82 -13.79
N TYR A 337 23.00 17.68 -14.45
CA TYR A 337 22.83 17.56 -15.88
C TYR A 337 21.49 16.89 -16.15
N GLY A 338 20.76 17.46 -17.11
CA GLY A 338 19.44 16.95 -17.48
C GLY A 338 19.56 16.22 -18.81
N ARG A 339 19.77 16.99 -19.89
CA ARG A 339 19.63 16.45 -21.23
C ARG A 339 20.77 15.46 -21.51
N TRP A 340 21.98 15.81 -21.08
CA TRP A 340 23.10 14.90 -21.27
C TRP A 340 22.82 13.58 -20.57
N VAL A 341 22.03 13.60 -19.49
CA VAL A 341 21.92 12.36 -18.72
C VAL A 341 20.85 11.46 -19.34
N ILE A 342 19.82 12.09 -19.91
CA ILE A 342 18.85 11.36 -20.72
C ILE A 342 19.61 10.47 -21.70
N ALA A 343 20.70 10.99 -22.28
CA ALA A 343 21.36 10.30 -23.37
C ALA A 343 22.56 9.48 -22.88
N ASN A 344 23.03 9.78 -21.68
CA ASN A 344 24.30 9.25 -21.22
C ASN A 344 24.13 8.70 -19.81
N PRO A 345 23.60 7.45 -19.67
CA PRO A 345 23.28 6.91 -18.36
C PRO A 345 24.58 6.95 -17.55
N ASP A 346 25.74 6.84 -18.23
CA ASP A 346 27.02 6.74 -17.57
C ASP A 346 27.84 8.02 -17.81
N LEU A 347 27.16 9.16 -17.76
CA LEU A 347 27.84 10.43 -18.01
C LEU A 347 29.15 10.54 -17.22
N PRO A 348 29.20 10.23 -15.92
CA PRO A 348 30.44 10.38 -15.15
C PRO A 348 31.59 9.55 -15.71
N SER A 349 31.32 8.34 -16.22
CA SER A 349 32.40 7.51 -16.75
C SER A 349 32.95 8.09 -18.06
N ARG A 350 32.02 8.66 -18.85
CA ARG A 350 32.34 9.33 -20.11
C ARG A 350 33.22 10.55 -19.85
N PHE A 351 32.80 11.36 -18.90
CA PHE A 351 33.61 12.47 -18.48
C PHE A 351 34.98 11.95 -18.09
N GLU A 352 34.97 10.89 -17.28
CA GLU A 352 36.18 10.40 -16.65
C GLU A 352 37.16 9.87 -17.68
N GLN A 353 36.66 9.23 -18.74
CA GLN A 353 37.54 8.55 -19.68
C GLN A 353 37.64 9.36 -20.96
N ASN A 354 36.97 10.53 -20.96
CA ASN A 354 37.03 11.46 -22.07
C ASN A 354 36.32 10.81 -23.28
N ALA A 355 35.12 10.29 -23.07
CA ALA A 355 34.50 9.60 -24.19
C ALA A 355 33.53 10.56 -24.89
N PRO A 356 33.20 10.28 -26.17
CA PRO A 356 32.18 11.04 -26.88
C PRO A 356 30.89 10.88 -26.08
N LEU A 357 30.04 11.92 -26.10
CA LEU A 357 28.74 11.90 -25.47
C LEU A 357 27.70 11.41 -26.47
N ASN A 358 26.85 10.42 -26.14
CA ASN A 358 25.72 10.07 -26.99
C ASN A 358 24.85 11.32 -27.20
N PRO A 359 24.36 11.65 -28.43
CA PRO A 359 23.47 12.80 -28.59
C PRO A 359 22.06 12.56 -28.09
N TYR A 360 21.42 13.63 -27.63
CA TYR A 360 20.11 13.44 -27.06
C TYR A 360 19.03 13.82 -28.08
N ASP A 361 17.90 13.11 -28.02
CA ASP A 361 16.90 13.24 -29.05
C ASP A 361 15.61 13.76 -28.41
N ARG A 362 15.29 15.03 -28.69
CA ARG A 362 14.20 15.76 -28.07
C ARG A 362 12.87 15.09 -28.38
N ALA A 363 12.74 14.46 -29.55
CA ALA A 363 11.49 13.82 -29.95
C ALA A 363 11.08 12.67 -29.03
N THR A 364 12.00 12.15 -28.20
CA THR A 364 11.62 11.02 -27.35
C THR A 364 11.74 11.42 -25.89
N PHE A 365 11.83 12.73 -25.62
CA PHE A 365 11.77 13.18 -24.24
C PHE A 365 10.43 12.78 -23.58
N TYR A 366 9.31 13.09 -24.24
CA TYR A 366 8.04 13.13 -23.57
C TYR A 366 7.11 12.07 -24.16
N GLY A 367 6.67 11.13 -23.31
CA GLY A 367 5.79 10.03 -23.72
C GLY A 367 6.57 8.90 -24.38
N GLY A 368 5.90 7.82 -24.81
CA GLY A 368 6.57 6.80 -25.58
C GLY A 368 6.93 5.59 -24.73
N ASN A 369 8.10 5.00 -24.99
CA ASN A 369 8.37 3.67 -24.47
C ASN A 369 9.87 3.61 -24.17
N GLU A 370 10.48 2.43 -24.34
CA GLU A 370 11.90 2.21 -24.16
C GLU A 370 12.70 3.16 -25.04
N LYS A 371 12.29 3.30 -26.31
CA LYS A 371 13.00 4.11 -27.30
C LYS A 371 13.22 5.54 -26.80
N GLY A 372 14.48 5.97 -26.84
CA GLY A 372 14.93 7.25 -26.33
C GLY A 372 14.81 7.36 -24.81
N TYR A 373 14.83 6.22 -24.10
CA TYR A 373 14.62 6.22 -22.66
C TYR A 373 15.57 5.20 -22.02
N THR A 374 15.42 3.93 -22.38
CA THR A 374 16.27 2.95 -21.75
C THR A 374 17.22 2.32 -22.75
N ASP A 375 17.30 2.85 -23.98
CA ASP A 375 18.06 2.22 -25.05
C ASP A 375 19.24 3.08 -25.48
N TYR A 376 19.58 4.11 -24.72
CA TYR A 376 20.86 4.77 -24.95
C TYR A 376 22.00 3.87 -24.47
N PRO A 377 23.09 3.69 -25.24
CA PRO A 377 24.12 2.71 -24.86
C PRO A 377 25.11 3.19 -23.81
N PHE A 378 25.68 2.26 -23.04
CA PHE A 378 26.75 2.52 -22.07
C PHE A 378 28.11 2.35 -22.74
N LEU A 379 29.17 2.85 -22.09
CA LEU A 379 30.53 2.47 -22.47
C LEU A 379 30.70 0.99 -22.28
N ASP A 380 30.29 0.52 -21.10
CA ASP A 380 30.48 -0.83 -20.65
C ASP A 380 29.12 -1.50 -20.69
N PRO A 381 28.91 -2.52 -21.57
CA PRO A 381 27.65 -3.24 -21.58
C PRO A 381 27.28 -3.87 -20.22
N ARG A 382 28.27 -4.15 -19.36
CA ARG A 382 27.99 -4.82 -18.08
C ARG A 382 27.17 -3.91 -17.17
N ASP A 383 27.36 -2.60 -17.33
CA ASP A 383 26.58 -1.62 -16.59
C ASP A 383 25.09 -1.79 -16.92
N SER A 384 24.82 -1.83 -18.23
CA SER A 384 23.52 -2.09 -18.79
C SER A 384 22.95 -3.39 -18.22
N GLN A 385 23.73 -4.47 -18.16
CA GLN A 385 23.23 -5.76 -17.65
C GLN A 385 22.86 -5.63 -16.18
N GLU A 386 23.73 -4.97 -15.41
CA GLU A 386 23.45 -4.78 -14.01
C GLU A 386 22.18 -3.95 -13.81
N ALA A 387 21.95 -2.88 -14.57
CA ALA A 387 20.67 -2.21 -14.37
C ALA A 387 19.49 -3.14 -14.65
N LEU A 388 19.54 -3.89 -15.75
CA LEU A 388 18.40 -4.75 -16.03
C LEU A 388 18.19 -5.71 -14.84
N LYS A 389 19.27 -6.34 -14.40
CA LYS A 389 19.21 -7.28 -13.30
C LYS A 389 18.52 -6.67 -12.08
N GLU A 390 18.98 -5.51 -11.61
CA GLU A 390 18.37 -4.94 -10.41
C GLU A 390 16.90 -4.59 -10.62
N ALA A 391 16.55 -4.18 -11.86
CA ALA A 391 15.21 -3.69 -12.12
C ALA A 391 14.22 -4.86 -12.13
N GLU A 392 14.62 -6.01 -12.68
CA GLU A 392 13.90 -7.28 -12.63
C GLU A 392 13.82 -7.81 -11.19
N ALA A 393 14.95 -7.78 -10.45
CA ALA A 393 14.93 -8.16 -9.04
C ALA A 393 13.97 -7.27 -8.24
N ALA A 394 13.99 -5.96 -8.50
CA ALA A 394 13.11 -5.01 -7.83
C ALA A 394 11.64 -5.36 -8.12
N GLU A 395 11.34 -5.76 -9.35
CA GLU A 395 9.97 -6.08 -9.68
C GLU A 395 9.50 -7.37 -8.99
N ARG A 396 10.33 -8.43 -8.96
CA ARG A 396 10.04 -9.68 -8.26
C ARG A 396 9.87 -9.45 -6.75
N LYS A 397 10.61 -8.47 -6.22
CA LYS A 397 10.60 -8.29 -4.79
C LYS A 397 9.31 -7.59 -4.36
N TRP A 398 8.84 -6.63 -5.16
CA TRP A 398 7.70 -5.78 -4.86
C TRP A 398 6.52 -6.13 -5.76
N ARG A 399 6.56 -7.36 -6.26
CA ARG A 399 5.72 -7.90 -7.33
C ARG A 399 4.36 -7.19 -7.41
N MET B 21 3.27 -42.50 6.39
CA MET B 21 2.29 -43.49 6.88
C MET B 21 0.93 -42.79 7.09
N LEU B 22 0.90 -41.68 7.87
CA LEU B 22 -0.34 -41.00 8.26
C LEU B 22 -0.90 -40.22 7.09
N LYS B 23 -2.18 -40.43 6.76
CA LYS B 23 -2.80 -39.59 5.75
C LYS B 23 -2.80 -38.08 6.10
N LEU B 24 -2.76 -37.73 7.40
CA LEU B 24 -2.83 -36.35 7.87
C LEU B 24 -1.63 -35.63 7.26
N LEU B 25 -0.57 -36.42 7.03
CA LEU B 25 0.70 -35.85 6.57
C LEU B 25 0.86 -35.94 5.05
N GLU B 26 -0.09 -36.54 4.32
CA GLU B 26 0.07 -36.69 2.88
C GLU B 26 -0.13 -35.33 2.18
N PRO B 27 0.84 -34.87 1.32
CA PRO B 27 0.70 -33.60 0.60
C PRO B 27 -0.60 -33.62 -0.22
N PHE B 28 -1.22 -32.44 -0.33
CA PHE B 28 -2.55 -32.37 -0.95
C PHE B 28 -2.58 -31.22 -1.95
N ASP B 29 -3.13 -31.53 -3.13
CA ASP B 29 -3.30 -30.61 -4.22
C ASP B 29 -4.70 -29.98 -4.12
N LEU B 30 -4.78 -28.71 -3.69
CA LEU B 30 -6.04 -28.00 -3.67
C LEU B 30 -6.25 -27.20 -4.97
N ASN B 31 -6.67 -27.87 -6.03
CA ASN B 31 -6.89 -27.13 -7.27
C ASN B 31 -5.67 -26.32 -7.71
N GLY B 32 -4.47 -26.89 -7.55
CA GLY B 32 -3.21 -26.31 -7.99
C GLY B 32 -2.38 -25.62 -6.91
N LEU B 33 -2.94 -25.47 -5.71
CA LEU B 33 -2.19 -25.05 -4.54
C LEU B 33 -1.63 -26.29 -3.89
N GLU B 34 -0.29 -26.36 -3.80
CA GLU B 34 0.41 -27.54 -3.31
C GLU B 34 0.56 -27.49 -1.79
N LEU B 35 -0.45 -28.01 -1.07
CA LEU B 35 -0.40 -28.09 0.39
C LEU B 35 0.62 -29.16 0.78
N ALA B 36 1.42 -28.86 1.80
CA ALA B 36 2.46 -29.77 2.28
C ALA B 36 1.85 -31.04 2.91
N ASN B 37 0.59 -30.97 3.41
CA ASN B 37 -0.08 -32.03 4.16
C ASN B 37 -1.60 -31.77 4.14
N ARG B 38 -2.40 -32.58 4.85
CA ARG B 38 -3.85 -32.50 4.81
C ARG B 38 -4.43 -31.84 6.07
N MET B 39 -3.58 -31.11 6.82
CA MET B 39 -3.97 -30.44 8.05
C MET B 39 -4.17 -28.95 7.81
N VAL B 40 -5.19 -28.41 8.48
CA VAL B 40 -5.51 -27.00 8.33
C VAL B 40 -5.45 -26.35 9.71
N MET B 41 -4.85 -25.17 9.79
CA MET B 41 -5.01 -24.30 10.93
C MET B 41 -6.42 -23.67 10.88
N ALA B 42 -7.32 -24.04 11.80
CA ALA B 42 -8.63 -23.42 11.86
C ALA B 42 -8.49 -21.91 12.05
N PRO B 43 -9.51 -21.12 11.64
CA PRO B 43 -9.50 -19.68 11.91
C PRO B 43 -9.66 -19.41 13.41
N LEU B 44 -8.83 -18.54 13.95
CA LEU B 44 -8.87 -18.38 15.40
C LEU B 44 -8.65 -16.92 15.79
N THR B 45 -9.73 -16.25 16.23
CA THR B 45 -9.69 -14.93 16.83
C THR B 45 -8.70 -14.88 18.02
N ARG B 46 -7.70 -13.99 17.99
CA ARG B 46 -6.76 -13.86 19.09
C ARG B 46 -6.79 -12.46 19.72
N ASN B 47 -7.50 -11.49 19.09
CA ASN B 47 -7.61 -10.12 19.59
C ASN B 47 -6.23 -9.48 19.84
N ARG B 48 -5.30 -9.55 18.88
CA ARG B 48 -3.97 -9.01 19.11
C ARG B 48 -3.56 -8.05 18.01
N ALA B 49 -4.57 -7.48 17.31
CA ALA B 49 -4.37 -6.39 16.37
C ALA B 49 -3.71 -5.18 17.04
N GLY B 50 -2.87 -4.47 16.28
CA GLY B 50 -2.30 -3.18 16.64
C GLY B 50 -3.35 -2.07 16.53
N PRO B 51 -3.02 -0.78 16.79
CA PRO B 51 -4.00 0.30 16.63
C PRO B 51 -4.61 0.40 15.23
N ARG B 52 -5.95 0.54 15.21
CA ARG B 52 -6.73 0.72 13.98
C ARG B 52 -6.86 -0.61 13.27
N PHE B 53 -6.77 -1.72 14.01
CA PHE B 53 -7.11 -3.04 13.51
C PHE B 53 -6.08 -3.51 12.46
N VAL B 54 -4.84 -3.02 12.59
CA VAL B 54 -3.74 -3.30 11.70
C VAL B 54 -3.00 -4.50 12.29
N PRO B 55 -2.81 -5.59 11.52
CA PRO B 55 -1.92 -6.67 11.96
C PRO B 55 -0.50 -6.20 12.29
N THR B 56 0.25 -7.00 13.09
CA THR B 56 1.54 -6.57 13.62
C THR B 56 2.62 -7.59 13.23
N LYS B 57 3.88 -7.18 13.45
CA LYS B 57 5.02 -8.07 13.30
C LYS B 57 4.83 -9.34 14.12
N MET B 58 4.33 -9.19 15.35
CA MET B 58 4.02 -10.32 16.21
C MET B 58 2.94 -11.25 15.60
N ASN B 59 1.87 -10.66 15.03
CA ASN B 59 0.92 -11.41 14.23
C ASN B 59 1.67 -12.18 13.14
N ALA B 60 2.57 -11.48 12.42
CA ALA B 60 3.39 -12.09 11.37
C ALA B 60 4.14 -13.32 11.90
N LEU B 61 4.86 -13.15 13.00
CA LEU B 61 5.58 -14.25 13.62
C LEU B 61 4.59 -15.39 13.92
N TYR B 62 3.39 -15.05 14.39
CA TYR B 62 2.49 -16.10 14.84
C TYR B 62 2.10 -16.99 13.65
N TYR B 63 1.82 -16.32 12.53
CA TYR B 63 1.45 -17.04 11.33
C TYR B 63 2.65 -17.80 10.76
N ALA B 64 3.83 -17.15 10.67
CA ALA B 64 5.04 -17.78 10.19
C ALA B 64 5.43 -19.01 11.01
N GLN B 65 5.22 -18.99 12.33
CA GLN B 65 5.47 -20.16 13.14
C GLN B 65 4.63 -21.37 12.66
N ARG B 66 3.40 -21.09 12.19
CA ARG B 66 2.41 -22.14 11.94
C ARG B 66 2.31 -22.49 10.45
N SER B 67 3.39 -22.18 9.69
CA SER B 67 3.47 -22.39 8.24
C SER B 67 3.45 -23.85 7.79
N GLY B 68 3.89 -24.76 8.68
CA GLY B 68 4.00 -26.18 8.42
C GLY B 68 2.61 -26.80 8.21
N LEU B 69 1.56 -26.07 8.62
CA LEU B 69 0.24 -26.58 8.34
C LEU B 69 -0.04 -26.39 6.87
N GLY B 70 -0.59 -27.47 6.27
CA GLY B 70 -0.88 -27.50 4.85
C GLY B 70 -1.43 -26.14 4.44
N LEU B 71 -2.48 -25.72 5.17
CA LEU B 71 -3.22 -24.50 4.87
C LEU B 71 -3.50 -23.74 6.18
N ILE B 72 -3.27 -22.42 6.15
CA ILE B 72 -3.67 -21.55 7.24
C ILE B 72 -4.95 -20.82 6.84
N ILE B 73 -5.99 -20.83 7.69
CA ILE B 73 -7.11 -19.89 7.58
C ILE B 73 -6.93 -18.94 8.74
N THR B 74 -6.80 -17.64 8.48
CA THR B 74 -6.53 -16.62 9.47
C THR B 74 -7.72 -16.51 10.42
N GLU B 75 -7.52 -15.85 11.55
CA GLU B 75 -8.63 -15.32 12.33
C GLU B 75 -9.66 -14.61 11.46
N ALA B 76 -10.94 -14.67 11.89
CA ALA B 76 -11.98 -13.80 11.35
C ALA B 76 -11.43 -12.38 11.25
N THR B 77 -11.57 -11.78 10.07
CA THR B 77 -11.14 -10.42 9.79
C THR B 77 -12.34 -9.61 9.33
N GLN B 78 -12.71 -8.59 10.07
CA GLN B 78 -13.92 -7.85 9.73
C GLN B 78 -13.71 -7.06 8.46
N ILE B 79 -14.75 -6.96 7.65
CA ILE B 79 -14.66 -6.26 6.38
C ILE B 79 -14.99 -4.78 6.53
N SER B 80 -15.46 -4.37 7.73
CA SER B 80 -15.87 -3.00 8.01
C SER B 80 -15.96 -2.91 9.51
N GLN B 81 -15.88 -1.67 10.01
CA GLN B 81 -16.08 -1.41 11.43
C GLN B 81 -17.46 -1.94 11.85
N GLN B 82 -18.46 -1.81 10.97
CA GLN B 82 -19.79 -2.33 11.23
C GLN B 82 -19.80 -3.84 11.45
N GLY B 83 -18.87 -4.58 10.82
CA GLY B 83 -18.82 -6.03 11.01
C GLY B 83 -17.93 -6.49 12.15
N MET B 84 -17.50 -5.59 13.05
CA MET B 84 -16.63 -5.99 14.16
C MET B 84 -17.44 -6.06 15.46
N GLY B 85 -17.10 -7.01 16.35
CA GLY B 85 -17.76 -7.14 17.64
C GLY B 85 -16.91 -7.63 18.82
N TYR B 86 -15.57 -7.61 18.66
CA TYR B 86 -14.67 -7.93 19.76
C TYR B 86 -13.44 -7.02 19.63
N PRO B 87 -12.78 -6.69 20.75
CA PRO B 87 -11.69 -5.71 20.70
C PRO B 87 -10.54 -6.28 19.90
N ASP B 88 -9.85 -5.36 19.21
CA ASP B 88 -8.53 -5.59 18.61
C ASP B 88 -8.53 -6.79 17.67
N THR B 89 -9.58 -6.93 16.86
CA THR B 89 -9.61 -7.94 15.81
C THR B 89 -9.18 -7.25 14.52
N PRO B 90 -8.28 -7.87 13.72
CA PRO B 90 -7.78 -7.21 12.49
C PRO B 90 -8.87 -6.89 11.46
N GLY B 91 -8.63 -5.79 10.71
CA GLY B 91 -9.44 -5.36 9.58
C GLY B 91 -8.84 -5.64 8.20
N ILE B 92 -9.69 -5.51 7.19
CA ILE B 92 -9.24 -5.66 5.82
C ILE B 92 -9.87 -4.57 4.96
N TYR B 93 -10.19 -3.40 5.54
CA TYR B 93 -10.87 -2.35 4.79
C TYR B 93 -10.07 -1.04 4.64
N THR B 94 -8.90 -0.95 5.24
CA THR B 94 -8.06 0.22 5.05
C THR B 94 -6.72 -0.26 4.47
N ASP B 95 -6.02 0.69 3.85
CA ASP B 95 -4.67 0.54 3.33
C ASP B 95 -3.68 0.13 4.43
N GLU B 96 -3.78 0.79 5.59
CA GLU B 96 -3.00 0.38 6.74
C GLU B 96 -3.14 -1.12 6.98
N GLN B 97 -4.38 -1.63 6.97
CA GLN B 97 -4.65 -3.03 7.23
C GLN B 97 -4.00 -3.90 6.15
N VAL B 98 -4.20 -3.50 4.89
CA VAL B 98 -3.56 -4.19 3.78
C VAL B 98 -2.05 -4.31 4.04
N ASP B 99 -1.38 -3.16 4.28
CA ASP B 99 0.06 -3.18 4.56
C ASP B 99 0.39 -4.17 5.69
N GLY B 100 -0.36 -4.13 6.79
CA GLY B 100 -0.11 -5.01 7.92
C GLY B 100 -0.21 -6.49 7.54
N TRP B 101 -1.27 -6.86 6.80
CA TRP B 101 -1.45 -8.24 6.43
C TRP B 101 -0.36 -8.72 5.47
N ARG B 102 0.26 -7.81 4.73
CA ARG B 102 1.27 -8.21 3.78
C ARG B 102 2.50 -8.69 4.52
N MET B 103 2.64 -8.21 5.77
CA MET B 103 3.75 -8.69 6.55
C MET B 103 3.48 -10.14 6.83
N VAL B 104 2.20 -10.47 7.04
CA VAL B 104 1.79 -11.82 7.41
C VAL B 104 1.96 -12.75 6.22
N THR B 105 1.53 -12.27 5.04
CA THR B 105 1.55 -13.13 3.84
C THR B 105 2.98 -13.29 3.34
N GLU B 106 3.81 -12.26 3.54
CA GLU B 106 5.20 -12.34 3.10
C GLU B 106 5.93 -13.40 3.93
N ALA B 107 5.85 -13.26 5.26
CA ALA B 107 6.40 -14.26 6.14
C ALA B 107 5.88 -15.66 5.78
N VAL B 108 4.57 -15.84 5.64
CA VAL B 108 4.11 -17.20 5.38
C VAL B 108 4.67 -17.70 4.05
N HIS B 109 4.65 -16.85 3.02
CA HIS B 109 5.10 -17.37 1.73
C HIS B 109 6.60 -17.72 1.75
N ARG B 110 7.44 -16.95 2.51
CA ARG B 110 8.85 -17.26 2.68
C ARG B 110 9.03 -18.61 3.37
N ARG B 111 8.06 -19.01 4.19
CA ARG B 111 8.17 -20.33 4.76
C ARG B 111 7.44 -21.38 3.93
N GLU B 112 7.09 -21.10 2.66
CA GLU B 112 6.33 -21.98 1.76
C GLU B 112 4.98 -22.40 2.37
N GLY B 113 4.41 -21.52 3.17
CA GLY B 113 3.06 -21.74 3.62
C GLY B 113 2.03 -21.27 2.59
N CYS B 114 0.78 -21.34 2.99
CA CYS B 114 -0.36 -21.13 2.12
C CYS B 114 -1.42 -20.56 3.04
N ILE B 115 -2.13 -19.48 2.68
CA ILE B 115 -2.89 -18.71 3.66
C ILE B 115 -4.13 -18.07 3.03
N PHE B 116 -5.33 -18.39 3.59
CA PHE B 116 -6.61 -17.78 3.22
C PHE B 116 -7.07 -16.80 4.29
N LEU B 117 -7.60 -15.63 3.89
CA LEU B 117 -8.14 -14.69 4.88
C LEU B 117 -9.63 -14.95 5.09
N GLN B 118 -10.07 -15.10 6.36
CA GLN B 118 -11.48 -15.40 6.62
C GLN B 118 -12.22 -14.08 6.67
N LEU B 119 -13.19 -13.86 5.77
CA LEU B 119 -13.94 -12.62 5.73
C LEU B 119 -15.17 -12.67 6.67
N TRP B 120 -15.29 -11.60 7.48
CA TRP B 120 -16.14 -11.60 8.66
C TRP B 120 -17.07 -10.39 8.62
N HIS B 121 -18.31 -10.63 9.04
CA HIS B 121 -19.22 -9.61 9.55
C HIS B 121 -19.98 -10.19 10.77
N VAL B 122 -19.72 -9.60 11.93
CA VAL B 122 -20.22 -10.12 13.20
C VAL B 122 -21.76 -10.10 13.28
N GLY B 123 -22.42 -9.29 12.47
CA GLY B 123 -23.86 -9.10 12.59
C GLY B 123 -24.27 -8.57 13.97
N ARG B 124 -25.25 -9.25 14.60
CA ARG B 124 -25.83 -8.82 15.88
C ARG B 124 -24.88 -9.12 17.04
N VAL B 125 -23.83 -9.91 16.79
CA VAL B 125 -22.87 -10.27 17.83
C VAL B 125 -21.82 -9.16 17.95
N SER B 126 -22.23 -8.04 18.55
CA SER B 126 -21.44 -6.83 18.67
C SER B 126 -22.08 -5.89 19.70
N HIS B 127 -21.76 -4.59 19.60
CA HIS B 127 -22.22 -3.62 20.57
C HIS B 127 -22.06 -2.24 19.95
N SER B 128 -23.02 -1.36 20.20
CA SER B 128 -22.99 0.00 19.71
C SER B 128 -21.63 0.66 19.93
N SER B 129 -20.99 0.37 21.06
CA SER B 129 -19.75 1.05 21.38
C SER B 129 -18.65 0.61 20.41
N PHE B 130 -18.85 -0.47 19.64
CA PHE B 130 -17.91 -0.89 18.60
C PHE B 130 -18.21 -0.19 17.26
N GLN B 131 -19.42 0.39 17.14
CA GLN B 131 -19.98 0.70 15.83
C GLN B 131 -19.65 2.15 15.49
N PRO B 132 -19.48 2.50 14.18
CA PRO B 132 -19.44 3.90 13.79
C PRO B 132 -20.56 4.72 14.45
N ASN B 133 -20.20 5.87 15.04
CA ASN B 133 -21.14 6.78 15.70
C ASN B 133 -22.01 6.13 16.79
N GLY B 134 -21.67 4.93 17.25
CA GLY B 134 -22.41 4.34 18.34
C GLY B 134 -23.80 3.88 17.87
N GLN B 135 -23.87 3.57 16.57
CA GLN B 135 -25.04 2.94 16.00
C GLN B 135 -25.17 1.50 16.51
N LEU B 136 -26.40 0.98 16.42
CA LEU B 136 -26.72 -0.38 16.82
C LEU B 136 -25.96 -1.33 15.93
N PRO B 137 -25.60 -2.56 16.34
CA PRO B 137 -25.18 -3.57 15.36
C PRO B 137 -26.34 -3.86 14.40
N VAL B 138 -26.04 -4.58 13.31
CA VAL B 138 -27.01 -4.82 12.24
C VAL B 138 -27.19 -6.33 12.08
N ALA B 139 -28.34 -6.70 11.55
CA ALA B 139 -28.79 -8.08 11.60
C ALA B 139 -29.95 -8.20 10.61
N PRO B 140 -30.40 -9.43 10.24
CA PRO B 140 -31.56 -9.59 9.37
C PRO B 140 -32.80 -9.12 10.09
N SER B 141 -32.86 -9.27 11.41
CA SER B 141 -34.07 -9.00 12.16
C SER B 141 -33.74 -8.42 13.54
N ALA B 142 -34.66 -7.60 14.08
CA ALA B 142 -34.46 -6.95 15.38
C ALA B 142 -34.62 -7.90 16.58
N ILE B 143 -33.71 -8.87 16.74
CA ILE B 143 -33.75 -9.81 17.86
C ILE B 143 -32.36 -9.95 18.44
N ALA B 144 -32.25 -9.63 19.74
CA ALA B 144 -31.00 -9.63 20.50
C ALA B 144 -30.58 -11.08 20.76
N PRO B 145 -29.29 -11.44 20.65
CA PRO B 145 -28.81 -12.71 21.20
C PRO B 145 -28.94 -12.67 22.72
N GLU B 146 -28.89 -13.86 23.32
CA GLU B 146 -28.95 -13.98 24.77
C GLU B 146 -27.57 -13.63 25.33
N GLY B 147 -27.56 -13.03 26.52
CA GLY B 147 -26.35 -12.93 27.29
C GLY B 147 -25.73 -11.54 27.20
N GLU B 148 -24.42 -11.51 27.47
CA GLU B 148 -23.61 -10.34 27.79
C GLU B 148 -22.50 -10.28 26.76
N VAL B 149 -21.96 -9.07 26.47
CA VAL B 149 -20.91 -8.92 25.46
C VAL B 149 -19.72 -8.10 25.96
N MET B 150 -18.53 -8.53 25.57
CA MET B 150 -17.31 -7.93 26.07
C MET B 150 -17.06 -6.62 25.31
N THR B 151 -16.96 -5.47 26.00
CA THR B 151 -16.70 -4.20 25.30
C THR B 151 -15.43 -3.52 25.80
N TYR B 152 -15.12 -2.31 25.28
CA TYR B 152 -13.90 -1.61 25.70
C TYR B 152 -14.13 -1.12 27.12
N ASP B 153 -15.41 -1.08 27.52
CA ASP B 153 -15.80 -0.53 28.81
C ASP B 153 -16.29 -1.64 29.76
N GLY B 154 -15.71 -2.86 29.67
CA GLY B 154 -16.20 -3.99 30.45
C GLY B 154 -17.32 -4.77 29.74
N ILE B 155 -18.19 -5.45 30.54
CA ILE B 155 -19.14 -6.41 30.01
C ILE B 155 -20.55 -5.79 30.05
N LYS B 156 -21.26 -5.91 28.92
CA LYS B 156 -22.58 -5.31 28.88
C LYS B 156 -23.59 -6.32 28.33
N PRO B 157 -24.90 -6.09 28.62
CA PRO B 157 -25.97 -6.91 28.02
C PRO B 157 -25.96 -6.73 26.50
N PHE B 158 -26.38 -7.75 25.75
CA PHE B 158 -26.56 -7.55 24.32
C PHE B 158 -27.64 -6.49 24.09
N GLU B 159 -27.55 -5.76 22.97
CA GLU B 159 -28.54 -4.74 22.63
C GLU B 159 -29.44 -5.35 21.56
N THR B 160 -30.66 -4.83 21.40
CA THR B 160 -31.43 -5.21 20.22
C THR B 160 -30.77 -4.63 18.97
N PRO B 161 -30.36 -5.44 17.97
CA PRO B 161 -29.76 -4.89 16.75
C PRO B 161 -30.83 -4.27 15.86
N ARG B 162 -30.39 -3.52 14.84
CA ARG B 162 -31.30 -2.93 13.85
C ARG B 162 -31.37 -3.86 12.63
N ALA B 163 -32.59 -4.11 12.14
CA ALA B 163 -32.86 -4.89 10.93
C ALA B 163 -32.50 -4.07 9.69
N LEU B 164 -31.70 -4.69 8.80
CA LEU B 164 -31.25 -4.02 7.59
C LEU B 164 -32.44 -3.81 6.67
N GLU B 165 -32.51 -2.62 6.05
CA GLU B 165 -33.35 -2.36 4.89
C GLU B 165 -32.91 -3.32 3.79
N THR B 166 -33.83 -3.77 2.93
CA THR B 166 -33.53 -4.54 1.74
C THR B 166 -32.37 -3.90 0.93
N GLU B 167 -32.53 -2.61 0.57
CA GLU B 167 -31.58 -1.75 -0.15
C GLU B 167 -30.16 -1.85 0.41
N GLU B 168 -30.01 -2.11 1.71
CA GLU B 168 -28.71 -2.05 2.37
C GLU B 168 -27.90 -3.34 2.19
N VAL B 169 -28.59 -4.47 1.93
CA VAL B 169 -27.91 -5.76 1.83
C VAL B 169 -26.89 -5.67 0.71
N ALA B 170 -27.28 -5.13 -0.46
CA ALA B 170 -26.37 -4.93 -1.57
C ALA B 170 -25.06 -4.25 -1.14
N HIS B 171 -25.16 -3.33 -0.16
CA HIS B 171 -24.00 -2.55 0.25
C HIS B 171 -23.07 -3.37 1.12
N ILE B 172 -23.65 -4.36 1.82
CA ILE B 172 -22.88 -5.27 2.65
C ILE B 172 -22.12 -6.28 1.78
N VAL B 173 -22.78 -6.72 0.69
CA VAL B 173 -22.20 -7.61 -0.32
C VAL B 173 -21.01 -6.89 -0.96
N GLU B 174 -21.11 -5.56 -1.15
CA GLU B 174 -20.07 -4.78 -1.80
C GLU B 174 -18.87 -4.65 -0.85
N ASP B 175 -19.18 -4.49 0.43
CA ASP B 175 -18.16 -4.50 1.47
C ASP B 175 -17.38 -5.81 1.40
N TYR B 176 -18.04 -6.93 1.07
CA TYR B 176 -17.30 -8.18 0.92
C TYR B 176 -16.41 -8.15 -0.32
N ARG B 177 -16.95 -7.53 -1.39
CA ARG B 177 -16.21 -7.45 -2.64
C ARG B 177 -14.93 -6.63 -2.42
N LYS B 178 -15.05 -5.44 -1.78
CA LYS B 178 -13.88 -4.62 -1.46
C LYS B 178 -12.89 -5.37 -0.57
N ALA B 179 -13.44 -6.18 0.33
CA ALA B 179 -12.63 -6.98 1.22
C ALA B 179 -11.84 -8.03 0.43
N ALA B 180 -12.47 -8.63 -0.58
CA ALA B 180 -11.77 -9.58 -1.43
C ALA B 180 -10.66 -8.88 -2.22
N ILE B 181 -10.94 -7.67 -2.74
CA ILE B 181 -9.97 -6.85 -3.45
C ILE B 181 -8.76 -6.63 -2.52
N ASN B 182 -9.02 -6.23 -1.28
CA ASN B 182 -7.91 -5.93 -0.39
C ASN B 182 -7.16 -7.22 -0.03
N ALA B 183 -7.89 -8.33 0.12
CA ALA B 183 -7.27 -9.61 0.40
C ALA B 183 -6.21 -9.90 -0.66
N LYS B 184 -6.62 -9.69 -1.92
CA LYS B 184 -5.78 -9.91 -3.08
C LYS B 184 -4.56 -8.98 -3.02
N ARG B 185 -4.74 -7.68 -2.82
CA ARG B 185 -3.63 -6.75 -2.65
C ARG B 185 -2.69 -7.24 -1.53
N ALA B 186 -3.24 -7.87 -0.48
CA ALA B 186 -2.43 -8.23 0.68
C ALA B 186 -1.71 -9.56 0.49
N GLY B 187 -1.97 -10.24 -0.63
CA GLY B 187 -1.15 -11.38 -0.99
C GLY B 187 -1.78 -12.71 -0.61
N PHE B 188 -3.06 -12.73 -0.23
CA PHE B 188 -3.68 -13.96 0.25
C PHE B 188 -3.88 -14.93 -0.90
N ASP B 189 -3.59 -16.20 -0.66
CA ASP B 189 -3.81 -17.27 -1.64
C ASP B 189 -5.30 -17.44 -1.93
N GLY B 190 -6.18 -17.12 -0.98
CA GLY B 190 -7.61 -17.15 -1.19
C GLY B 190 -8.38 -16.54 -0.01
N ILE B 191 -9.71 -16.70 0.01
CA ILE B 191 -10.50 -16.15 1.09
C ILE B 191 -11.47 -17.21 1.60
N GLU B 192 -11.89 -17.12 2.86
CA GLU B 192 -12.99 -17.96 3.33
C GLU B 192 -14.14 -17.09 3.81
N ILE B 193 -15.36 -17.42 3.39
CA ILE B 193 -16.52 -16.66 3.79
C ILE B 193 -17.03 -17.24 5.11
N HIS B 194 -16.90 -16.45 6.19
CA HIS B 194 -17.37 -16.90 7.50
C HIS B 194 -18.89 -16.85 7.52
N SER B 195 -19.52 -18.02 7.40
CA SER B 195 -20.97 -18.09 7.36
C SER B 195 -21.46 -19.05 8.44
N ALA B 196 -20.73 -19.08 9.56
CA ALA B 196 -21.01 -19.98 10.67
C ALA B 196 -21.10 -19.20 11.99
N ASN B 197 -21.38 -19.93 13.07
CA ASN B 197 -21.05 -19.50 14.41
C ASN B 197 -21.83 -18.25 14.80
N GLY B 198 -23.02 -18.06 14.23
CA GLY B 198 -23.99 -17.15 14.81
C GLY B 198 -23.92 -15.70 14.31
N TYR B 199 -22.95 -15.41 13.41
CA TYR B 199 -22.72 -14.10 12.82
C TYR B 199 -23.67 -13.80 11.65
N LEU B 200 -23.36 -12.74 10.89
CA LEU B 200 -24.33 -12.08 10.02
C LEU B 200 -24.95 -13.06 9.01
N LEU B 201 -24.08 -13.71 8.23
CA LEU B 201 -24.57 -14.57 7.18
C LEU B 201 -25.35 -15.73 7.80
N HIS B 202 -24.85 -16.21 8.94
CA HIS B 202 -25.49 -17.30 9.63
C HIS B 202 -26.88 -16.91 10.16
N GLU B 203 -27.02 -15.65 10.63
CA GLU B 203 -28.28 -15.15 11.15
C GLU B 203 -29.29 -15.17 10.01
N PHE B 204 -28.78 -14.95 8.80
CA PHE B 204 -29.66 -14.83 7.67
C PHE B 204 -30.19 -16.18 7.28
N LEU B 205 -29.31 -17.18 7.29
CA LEU B 205 -29.66 -18.52 6.89
C LEU B 205 -30.77 -19.06 7.80
N GLU B 206 -30.65 -18.82 9.12
CA GLU B 206 -31.50 -19.48 10.11
C GLU B 206 -32.84 -18.73 10.37
N ASP B 207 -33.95 -19.48 10.44
CA ASP B 207 -35.25 -18.82 10.64
C ASP B 207 -35.55 -18.53 12.10
N GLY B 208 -34.69 -18.98 13.02
CA GLY B 208 -34.81 -18.54 14.39
C GLY B 208 -34.43 -17.07 14.55
N THR B 209 -33.51 -16.60 13.68
CA THR B 209 -32.96 -15.25 13.73
C THR B 209 -33.50 -14.38 12.59
N ASN B 210 -34.17 -14.98 11.60
CA ASN B 210 -34.51 -14.24 10.38
C ASN B 210 -36.00 -14.40 10.10
N LYS B 211 -36.75 -13.36 10.50
CA LYS B 211 -38.20 -13.27 10.29
C LYS B 211 -38.50 -12.21 9.22
N ARG B 212 -37.58 -12.02 8.26
CA ARG B 212 -37.79 -11.10 7.15
C ARG B 212 -38.91 -11.60 6.22
N THR B 213 -39.71 -10.66 5.71
CA THR B 213 -40.78 -10.91 4.76
C THR B 213 -40.33 -10.57 3.34
N ASP B 214 -39.21 -9.84 3.21
CA ASP B 214 -38.70 -9.42 1.92
C ASP B 214 -37.97 -10.57 1.23
N ARG B 215 -37.12 -10.25 0.25
CA ARG B 215 -36.58 -11.25 -0.67
C ARG B 215 -35.42 -12.00 -0.01
N TYR B 216 -35.06 -11.65 1.24
CA TYR B 216 -33.98 -12.36 1.89
C TYR B 216 -34.47 -13.18 3.09
N GLY B 217 -35.78 -13.41 3.17
CA GLY B 217 -36.37 -14.12 4.30
C GLY B 217 -37.56 -14.93 3.85
N GLY B 218 -38.05 -15.83 4.72
CA GLY B 218 -39.15 -16.74 4.43
C GLY B 218 -38.65 -18.11 4.01
N SER B 219 -38.64 -18.37 2.71
CA SER B 219 -38.26 -19.66 2.15
C SER B 219 -36.77 -19.96 2.38
N ILE B 220 -36.42 -21.24 2.33
CA ILE B 220 -35.07 -21.70 2.57
C ILE B 220 -34.16 -20.97 1.57
N GLU B 221 -34.70 -20.79 0.37
CA GLU B 221 -33.99 -20.22 -0.75
C GLU B 221 -33.70 -18.74 -0.47
N ASN B 222 -34.62 -18.06 0.21
CA ASN B 222 -34.52 -16.62 0.34
C ASN B 222 -33.49 -16.32 1.40
N ARG B 223 -33.53 -17.14 2.45
CA ARG B 223 -32.64 -17.02 3.58
C ARG B 223 -31.19 -17.14 3.08
N ALA B 224 -31.01 -18.01 2.08
CA ALA B 224 -29.67 -18.33 1.61
C ALA B 224 -29.18 -17.31 0.60
N ARG B 225 -30.08 -16.42 0.18
CA ARG B 225 -29.81 -15.54 -0.95
C ARG B 225 -28.60 -14.65 -0.69
N ILE B 226 -28.39 -14.18 0.56
CA ILE B 226 -27.31 -13.22 0.80
C ILE B 226 -25.98 -13.95 0.69
N VAL B 227 -25.97 -15.24 1.05
CA VAL B 227 -24.72 -15.98 0.93
C VAL B 227 -24.37 -16.13 -0.55
N PHE B 228 -25.37 -16.44 -1.39
CA PHE B 228 -25.03 -16.64 -2.78
C PHE B 228 -24.61 -15.32 -3.42
N GLU B 229 -25.30 -14.24 -3.05
CA GLU B 229 -24.94 -12.92 -3.51
C GLU B 229 -23.51 -12.62 -3.12
N VAL B 230 -23.09 -13.03 -1.91
CA VAL B 230 -21.75 -12.72 -1.45
C VAL B 230 -20.73 -13.48 -2.28
N LEU B 231 -21.04 -14.76 -2.55
CA LEU B 231 -20.14 -15.59 -3.35
C LEU B 231 -19.93 -14.98 -4.73
N ASP B 232 -21.03 -14.66 -5.41
CA ASP B 232 -21.10 -13.93 -6.67
C ASP B 232 -20.17 -12.70 -6.61
N ALA B 233 -20.28 -11.92 -5.52
CA ALA B 233 -19.50 -10.71 -5.41
C ALA B 233 -18.00 -11.04 -5.30
N VAL B 234 -17.62 -12.02 -4.46
CA VAL B 234 -16.19 -12.29 -4.29
C VAL B 234 -15.60 -13.13 -5.44
N CYS B 235 -16.45 -13.88 -6.16
CA CYS B 235 -15.98 -14.66 -7.30
C CYS B 235 -15.75 -13.77 -8.53
N LYS B 236 -15.76 -12.44 -8.32
CA LYS B 236 -15.45 -11.43 -9.32
C LYS B 236 -14.05 -10.85 -9.04
N VAL B 237 -13.50 -11.18 -7.86
CA VAL B 237 -12.14 -10.79 -7.52
C VAL B 237 -11.24 -12.03 -7.52
N TYR B 238 -11.65 -13.09 -6.83
CA TYR B 238 -10.90 -14.33 -6.84
C TYR B 238 -11.63 -15.33 -7.74
N PRO B 239 -10.92 -16.29 -8.39
CA PRO B 239 -11.61 -17.37 -9.12
C PRO B 239 -12.27 -18.18 -8.01
N SER B 240 -13.36 -18.88 -8.35
CA SER B 240 -14.12 -19.67 -7.41
C SER B 240 -13.26 -20.69 -6.65
N ARG B 241 -12.22 -21.24 -7.30
CA ARG B 241 -11.38 -22.27 -6.73
C ARG B 241 -10.37 -21.70 -5.73
N ARG B 242 -10.56 -20.43 -5.36
CA ARG B 242 -9.77 -19.75 -4.35
C ARG B 242 -10.69 -19.12 -3.29
N VAL B 243 -11.97 -19.45 -3.35
CA VAL B 243 -12.97 -18.98 -2.40
C VAL B 243 -13.54 -20.18 -1.63
N GLY B 244 -13.37 -20.13 -0.31
CA GLY B 244 -14.02 -21.07 0.58
C GLY B 244 -15.21 -20.47 1.34
N ILE B 245 -16.01 -21.36 1.96
CA ILE B 245 -17.09 -20.95 2.85
C ILE B 245 -17.05 -21.88 4.08
N ARG B 246 -17.37 -21.32 5.23
CA ARG B 246 -17.47 -22.09 6.46
C ARG B 246 -18.92 -22.17 6.97
N LEU B 247 -19.38 -23.37 7.31
CA LEU B 247 -20.72 -23.50 7.88
C LEU B 247 -20.62 -24.23 9.22
N SER B 248 -21.60 -23.97 10.11
CA SER B 248 -21.88 -24.71 11.33
C SER B 248 -23.33 -25.22 11.26
N PRO B 249 -23.54 -26.36 10.59
CA PRO B 249 -24.88 -26.91 10.38
C PRO B 249 -25.77 -27.07 11.61
N ASP B 250 -25.18 -27.18 12.81
CA ASP B 250 -26.00 -27.48 13.97
C ASP B 250 -25.36 -26.99 15.26
N THR B 251 -25.66 -25.76 15.65
CA THR B 251 -24.99 -25.22 16.83
C THR B 251 -25.96 -24.25 17.50
N GLU B 252 -25.87 -24.12 18.83
CA GLU B 252 -26.69 -23.21 19.59
C GLU B 252 -25.91 -21.91 19.83
N PHE B 253 -24.60 -21.90 19.52
CA PHE B 253 -23.72 -20.80 19.86
C PHE B 253 -24.40 -19.50 19.46
N MET B 254 -24.36 -18.50 20.34
CA MET B 254 -24.84 -17.14 20.13
C MET B 254 -26.31 -17.16 19.73
N SER B 255 -27.08 -18.10 20.32
CA SER B 255 -28.53 -18.03 20.28
C SER B 255 -29.05 -18.34 18.89
N MET B 256 -28.44 -19.31 18.21
CA MET B 256 -28.93 -19.67 16.89
C MET B 256 -29.97 -20.81 16.95
N SER B 257 -30.91 -20.81 16.02
CA SER B 257 -31.83 -21.92 15.90
C SER B 257 -32.45 -21.87 14.51
N ASP B 258 -32.98 -23.00 14.03
CA ASP B 258 -33.73 -23.00 12.78
C ASP B 258 -34.80 -24.06 12.92
N SER B 259 -35.87 -24.00 12.13
CA SER B 259 -36.87 -24.99 12.45
C SER B 259 -36.65 -26.31 11.72
N ASP B 260 -35.79 -26.35 10.70
CA ASP B 260 -35.59 -27.58 9.96
C ASP B 260 -34.20 -27.55 9.35
N ARG B 261 -33.19 -27.84 10.18
CA ARG B 261 -31.81 -27.54 9.81
C ARG B 261 -31.33 -28.54 8.76
N PRO B 262 -31.73 -29.83 8.84
CA PRO B 262 -31.52 -30.78 7.73
C PRO B 262 -31.85 -30.25 6.35
N ALA B 263 -33.06 -29.72 6.14
CA ALA B 263 -33.40 -29.27 4.80
C ALA B 263 -32.71 -27.94 4.43
N LEU B 264 -32.44 -27.10 5.44
CA LEU B 264 -31.73 -25.83 5.21
C LEU B 264 -30.32 -26.13 4.72
N TYR B 265 -29.66 -27.08 5.40
CA TYR B 265 -28.26 -27.34 5.13
C TYR B 265 -28.08 -28.33 4.00
N SER B 266 -29.01 -29.30 3.84
CA SER B 266 -29.08 -30.16 2.65
C SER B 266 -29.13 -29.31 1.39
N TYR B 267 -30.02 -28.30 1.41
CA TYR B 267 -30.25 -27.40 0.30
C TYR B 267 -28.97 -26.66 -0.06
N LEU B 268 -28.46 -25.84 0.85
CA LEU B 268 -27.35 -24.90 0.67
C LEU B 268 -26.08 -25.64 0.25
N VAL B 269 -25.80 -26.76 0.92
CA VAL B 269 -24.59 -27.50 0.67
C VAL B 269 -24.60 -27.96 -0.79
N GLN B 270 -25.80 -28.30 -1.29
CA GLN B 270 -25.95 -28.78 -2.66
C GLN B 270 -25.85 -27.63 -3.65
N GLU B 271 -26.15 -26.39 -3.22
CA GLU B 271 -26.00 -25.26 -4.13
C GLU B 271 -24.52 -24.87 -4.20
N LEU B 272 -23.88 -24.87 -3.02
CA LEU B 272 -22.47 -24.60 -2.93
C LEU B 272 -21.67 -25.56 -3.80
N SER B 273 -22.14 -26.81 -3.87
CA SER B 273 -21.40 -27.84 -4.58
C SER B 273 -21.29 -27.44 -6.04
N ARG B 274 -22.31 -26.73 -6.56
CA ARG B 274 -22.36 -26.39 -7.98
C ARG B 274 -21.46 -25.20 -8.28
N ARG B 275 -21.06 -24.44 -7.25
CA ARG B 275 -20.32 -23.20 -7.46
C ARG B 275 -18.81 -23.43 -7.63
N GLU B 276 -18.36 -24.69 -7.70
CA GLU B 276 -16.95 -24.99 -7.92
C GLU B 276 -16.10 -24.14 -7.00
N LEU B 277 -16.29 -24.27 -5.67
CA LEU B 277 -15.56 -23.51 -4.68
C LEU B 277 -14.27 -24.23 -4.31
N ALA B 278 -13.28 -23.48 -3.84
CA ALA B 278 -12.08 -24.03 -3.21
C ALA B 278 -12.40 -25.24 -2.32
N TYR B 279 -13.43 -25.11 -1.47
CA TYR B 279 -13.80 -26.13 -0.51
C TYR B 279 -15.02 -25.71 0.30
N LEU B 280 -15.52 -26.66 1.08
CA LEU B 280 -16.54 -26.38 2.07
C LEU B 280 -15.94 -26.80 3.41
N HIS B 281 -16.06 -25.86 4.36
CA HIS B 281 -15.49 -25.97 5.71
C HIS B 281 -16.66 -26.17 6.66
N LEU B 282 -16.79 -27.40 7.18
CA LEU B 282 -17.84 -27.73 8.15
C LEU B 282 -17.28 -27.88 9.58
N ILE B 283 -17.92 -27.20 10.53
CA ILE B 283 -17.71 -27.39 11.95
C ILE B 283 -18.59 -28.53 12.48
N GLU B 284 -17.96 -29.53 13.10
CA GLU B 284 -18.65 -30.65 13.72
C GLU B 284 -19.64 -30.13 14.78
N PRO B 285 -20.88 -30.68 14.90
CA PRO B 285 -21.79 -30.26 15.97
C PRO B 285 -21.28 -30.30 17.41
N ARG B 286 -20.22 -31.08 17.71
CA ARG B 286 -19.72 -31.25 19.07
C ARG B 286 -18.87 -30.05 19.53
N ILE B 287 -18.75 -29.00 18.68
CA ILE B 287 -18.21 -27.70 19.06
C ILE B 287 -19.33 -26.67 19.15
N LYS B 288 -19.33 -25.93 20.29
CA LYS B 288 -20.19 -24.75 20.49
C LYS B 288 -19.35 -23.49 20.38
N GLY B 289 -18.94 -23.15 19.15
CA GLY B 289 -18.23 -21.91 18.94
C GLY B 289 -16.75 -22.09 19.26
N ASN B 290 -16.38 -22.02 20.54
CA ASN B 290 -14.99 -22.15 21.00
C ASN B 290 -14.84 -23.15 22.17
N VAL B 291 -15.87 -24.01 22.45
CA VAL B 291 -15.79 -25.03 23.48
C VAL B 291 -16.50 -26.31 23.03
N ASP B 292 -16.12 -27.43 23.68
CA ASP B 292 -16.68 -28.76 23.50
C ASP B 292 -18.10 -28.79 24.06
N VAL B 293 -19.05 -29.44 23.36
CA VAL B 293 -20.38 -29.58 23.95
C VAL B 293 -20.92 -31.00 23.71
N GLU B 294 -21.60 -31.56 24.73
CA GLU B 294 -22.39 -32.76 24.52
C GLU B 294 -23.62 -32.38 23.69
N LYS B 295 -23.70 -32.89 22.46
CA LYS B 295 -24.77 -32.51 21.54
C LYS B 295 -25.17 -33.74 20.73
N GLU B 296 -26.48 -34.00 20.65
CA GLU B 296 -27.02 -34.97 19.72
C GLU B 296 -27.33 -34.27 18.40
N SER B 297 -26.78 -34.80 17.29
CA SER B 297 -27.00 -34.27 15.97
C SER B 297 -26.64 -35.38 14.98
N SER B 298 -27.34 -35.44 13.84
CA SER B 298 -26.85 -36.23 12.72
C SER B 298 -26.20 -35.35 11.65
N LEU B 299 -26.17 -34.03 11.84
CA LEU B 299 -25.66 -33.17 10.78
C LEU B 299 -24.15 -32.96 10.95
N ASN B 300 -23.42 -34.08 11.10
CA ASN B 300 -21.98 -34.06 11.14
C ASN B 300 -21.50 -34.34 9.73
N VAL B 301 -20.17 -34.36 9.52
CA VAL B 301 -19.54 -34.32 8.22
C VAL B 301 -19.95 -35.51 7.34
N GLU B 302 -20.12 -36.69 7.95
CA GLU B 302 -20.66 -37.91 7.34
C GLU B 302 -21.96 -37.68 6.58
N PHE B 303 -22.80 -36.80 7.10
CA PHE B 303 -24.06 -36.46 6.47
C PHE B 303 -23.82 -35.55 5.27
N PHE B 304 -22.72 -34.75 5.27
CA PHE B 304 -22.53 -33.80 4.18
C PHE B 304 -21.66 -34.31 3.02
N ARG B 305 -20.72 -35.23 3.29
CA ARG B 305 -19.84 -35.82 2.30
C ARG B 305 -20.57 -36.12 0.99
N PRO B 306 -21.58 -37.03 0.93
CA PRO B 306 -22.21 -37.40 -0.34
C PRO B 306 -23.07 -36.27 -0.92
N LEU B 307 -23.19 -35.14 -0.20
CA LEU B 307 -24.07 -34.06 -0.64
C LEU B 307 -23.26 -32.95 -1.34
N TYR B 308 -21.94 -33.03 -1.21
CA TYR B 308 -21.03 -32.00 -1.67
C TYR B 308 -19.88 -32.65 -2.43
N LYS B 309 -19.54 -32.02 -3.57
CA LYS B 309 -18.71 -32.66 -4.57
C LYS B 309 -17.24 -32.50 -4.16
N GLY B 310 -16.72 -31.28 -4.24
CA GLY B 310 -15.27 -31.10 -4.18
C GLY B 310 -14.65 -31.26 -2.77
N VAL B 311 -13.63 -30.43 -2.51
CA VAL B 311 -12.79 -30.49 -1.31
C VAL B 311 -13.64 -30.21 -0.06
N LEU B 312 -13.49 -31.08 0.97
CA LEU B 312 -14.26 -30.95 2.20
C LEU B 312 -13.31 -30.84 3.37
N ILE B 313 -13.39 -29.72 4.12
CA ILE B 313 -12.63 -29.54 5.36
C ILE B 313 -13.52 -29.85 6.57
N THR B 314 -13.10 -30.80 7.41
CA THR B 314 -13.81 -31.06 8.66
C THR B 314 -13.05 -30.42 9.83
N ALA B 315 -13.80 -29.71 10.67
CA ALA B 315 -13.20 -29.05 11.83
C ALA B 315 -13.97 -29.40 13.10
N GLY B 316 -13.31 -29.29 14.25
CA GLY B 316 -13.97 -29.18 15.55
C GLY B 316 -13.91 -30.45 16.37
N GLY B 317 -13.12 -30.42 17.45
CA GLY B 317 -13.00 -31.51 18.40
C GLY B 317 -12.06 -32.65 18.00
N TYR B 318 -11.19 -32.45 17.01
CA TYR B 318 -10.38 -33.57 16.58
C TYR B 318 -9.07 -33.67 17.37
N GLN B 319 -8.63 -34.94 17.50
CA GLN B 319 -7.29 -35.34 17.90
C GLN B 319 -6.55 -35.94 16.70
N LYS B 320 -5.34 -36.43 16.90
CA LYS B 320 -4.61 -37.04 15.80
C LYS B 320 -5.39 -38.27 15.29
N GLU B 321 -5.95 -39.10 16.20
CA GLU B 321 -6.60 -40.36 15.83
C GLU B 321 -7.90 -40.16 15.04
N THR B 322 -8.71 -39.16 15.40
CA THR B 322 -10.02 -38.97 14.79
C THR B 322 -9.87 -38.32 13.41
N GLY B 323 -8.95 -37.34 13.35
CA GLY B 323 -8.54 -36.65 12.14
C GLY B 323 -8.13 -37.66 11.07
N GLU B 324 -7.18 -38.52 11.42
CA GLU B 324 -6.70 -39.61 10.58
C GLU B 324 -7.90 -40.44 10.13
N GLU B 325 -8.78 -40.83 11.08
CA GLU B 325 -9.95 -41.66 10.77
C GLU B 325 -10.84 -41.04 9.67
N ARG B 326 -11.21 -39.77 9.86
CA ARG B 326 -11.99 -39.01 8.90
C ARG B 326 -11.40 -39.10 7.48
N LEU B 327 -10.07 -38.92 7.32
CA LEU B 327 -9.42 -39.03 6.01
C LEU B 327 -9.46 -40.49 5.52
N GLN B 328 -9.02 -41.42 6.39
CA GLN B 328 -8.92 -42.83 6.01
C GLN B 328 -10.25 -43.38 5.50
N LYS B 329 -11.38 -42.96 6.10
CA LYS B 329 -12.68 -43.47 5.66
C LYS B 329 -13.29 -42.52 4.63
N GLN B 330 -12.52 -41.50 4.21
CA GLN B 330 -12.94 -40.57 3.16
C GLN B 330 -14.23 -39.87 3.57
N HIS B 331 -14.34 -39.55 4.86
CA HIS B 331 -15.39 -38.67 5.33
C HIS B 331 -15.12 -37.21 4.96
N ALA B 332 -13.84 -36.83 4.96
CA ALA B 332 -13.37 -35.53 4.50
C ALA B 332 -12.02 -35.67 3.76
N ASP B 333 -11.52 -34.55 3.19
CA ASP B 333 -10.29 -34.45 2.42
C ASP B 333 -9.19 -33.82 3.27
N LEU B 334 -9.54 -32.87 4.15
CA LEU B 334 -8.64 -32.11 5.02
C LEU B 334 -9.28 -32.02 6.40
N VAL B 335 -8.45 -31.92 7.46
CA VAL B 335 -8.93 -31.81 8.83
C VAL B 335 -8.35 -30.53 9.43
N ALA B 336 -9.19 -29.60 9.89
CA ALA B 336 -8.75 -28.39 10.55
C ALA B 336 -8.62 -28.62 12.06
N TYR B 337 -7.54 -28.07 12.65
CA TYR B 337 -7.29 -28.07 14.08
C TYR B 337 -7.18 -26.62 14.54
N GLY B 338 -7.88 -26.30 15.63
CA GLY B 338 -7.94 -24.98 16.23
C GLY B 338 -7.04 -24.92 17.47
N ARG B 339 -7.56 -25.44 18.59
CA ARG B 339 -6.89 -25.29 19.89
C ARG B 339 -5.48 -25.91 19.91
N TRP B 340 -5.29 -27.12 19.35
CA TRP B 340 -3.99 -27.78 19.32
C TRP B 340 -2.99 -26.99 18.47
N VAL B 341 -3.45 -26.39 17.38
CA VAL B 341 -2.50 -25.58 16.61
C VAL B 341 -2.14 -24.31 17.39
N ILE B 342 -3.00 -23.89 18.31
CA ILE B 342 -2.63 -22.76 19.12
C ILE B 342 -1.40 -23.13 19.93
N ALA B 343 -1.39 -24.38 20.40
CA ALA B 343 -0.38 -24.78 21.36
C ALA B 343 0.80 -25.41 20.63
N ASN B 344 0.55 -25.94 19.44
CA ASN B 344 1.56 -26.71 18.73
C ASN B 344 1.76 -26.18 17.32
N PRO B 345 2.70 -25.22 17.15
CA PRO B 345 2.86 -24.56 15.87
C PRO B 345 3.33 -25.62 14.86
N ASP B 346 4.05 -26.65 15.34
CA ASP B 346 4.60 -27.68 14.47
C ASP B 346 3.81 -29.00 14.59
N LEU B 347 2.48 -28.88 14.75
CA LEU B 347 1.56 -30.00 15.00
C LEU B 347 1.77 -31.16 14.03
N PRO B 348 1.87 -30.95 12.69
CA PRO B 348 2.22 -32.04 11.77
C PRO B 348 3.48 -32.82 12.12
N SER B 349 4.54 -32.15 12.61
CA SER B 349 5.79 -32.86 12.88
C SER B 349 5.62 -33.65 14.16
N ARG B 350 4.90 -33.08 15.12
CA ARG B 350 4.52 -33.82 16.32
C ARG B 350 3.71 -35.06 15.93
N PHE B 351 2.79 -34.93 14.95
CA PHE B 351 1.96 -36.07 14.56
C PHE B 351 2.84 -37.14 13.91
N GLU B 352 3.82 -36.65 13.14
CA GLU B 352 4.73 -37.50 12.39
C GLU B 352 5.58 -38.30 13.37
N GLN B 353 6.10 -37.62 14.40
CA GLN B 353 7.09 -38.15 15.31
C GLN B 353 6.38 -38.85 16.45
N ASN B 354 5.05 -38.68 16.51
CA ASN B 354 4.28 -39.19 17.61
C ASN B 354 4.78 -38.57 18.92
N ALA B 355 5.09 -37.28 18.86
CA ALA B 355 5.51 -36.54 20.03
C ALA B 355 4.28 -36.13 20.86
N PRO B 356 4.43 -35.91 22.18
CA PRO B 356 3.37 -35.27 22.98
C PRO B 356 3.09 -33.86 22.49
N LEU B 357 1.90 -33.36 22.81
CA LEU B 357 1.30 -32.12 22.34
C LEU B 357 1.40 -31.07 23.45
N ASN B 358 1.92 -29.87 23.16
CA ASN B 358 1.80 -28.81 24.15
C ASN B 358 0.31 -28.66 24.47
N PRO B 359 -0.08 -28.52 25.76
CA PRO B 359 -1.46 -28.21 26.09
C PRO B 359 -1.80 -26.73 25.90
N TYR B 360 -3.05 -26.52 25.52
CA TYR B 360 -3.44 -25.20 25.11
C TYR B 360 -4.05 -24.53 26.31
N ASP B 361 -3.89 -23.21 26.35
CA ASP B 361 -4.16 -22.46 27.54
C ASP B 361 -5.23 -21.41 27.24
N ARG B 362 -6.50 -21.69 27.62
CA ARG B 362 -7.61 -20.84 27.25
C ARG B 362 -7.32 -19.45 27.76
N ALA B 363 -6.63 -19.37 28.90
CA ALA B 363 -6.52 -18.05 29.52
C ALA B 363 -5.82 -17.04 28.59
N THR B 364 -5.15 -17.53 27.54
CA THR B 364 -4.28 -16.72 26.68
C THR B 364 -4.73 -16.76 25.21
N PHE B 365 -5.94 -17.30 24.96
CA PHE B 365 -6.58 -17.23 23.65
C PHE B 365 -6.91 -15.78 23.29
N TYR B 366 -7.42 -14.98 24.23
CA TYR B 366 -8.02 -13.71 23.84
C TYR B 366 -7.28 -12.55 24.48
N GLY B 367 -6.81 -11.62 23.65
CA GLY B 367 -6.04 -10.45 24.08
C GLY B 367 -4.65 -10.83 24.56
N GLY B 368 -3.92 -9.85 25.10
CA GLY B 368 -2.66 -10.15 25.75
C GLY B 368 -1.47 -9.96 24.79
N ASN B 369 -0.36 -10.65 25.02
CA ASN B 369 0.81 -10.39 24.21
C ASN B 369 1.37 -11.73 23.71
N GLU B 370 2.70 -11.85 23.72
CA GLU B 370 3.41 -13.03 23.19
C GLU B 370 3.09 -14.27 24.02
N LYS B 371 2.71 -14.07 25.30
CA LYS B 371 2.47 -15.19 26.20
C LYS B 371 1.22 -15.95 25.77
N GLY B 372 1.37 -17.27 25.56
CA GLY B 372 0.37 -18.14 24.98
C GLY B 372 -0.02 -17.78 23.54
N TYR B 373 0.92 -17.17 22.79
CA TYR B 373 0.69 -16.79 21.39
C TYR B 373 1.86 -17.25 20.52
N THR B 374 3.05 -16.69 20.78
CA THR B 374 4.25 -17.05 20.04
C THR B 374 5.27 -17.76 20.92
N ASP B 375 4.89 -18.17 22.15
CA ASP B 375 5.90 -18.73 23.03
C ASP B 375 5.69 -20.22 23.24
N TYR B 376 4.81 -20.83 22.46
CA TYR B 376 4.69 -22.27 22.62
C TYR B 376 5.83 -22.97 21.88
N PRO B 377 6.56 -23.90 22.53
CA PRO B 377 7.84 -24.36 21.97
C PRO B 377 7.64 -25.35 20.80
N PHE B 378 8.58 -25.33 19.84
CA PHE B 378 8.70 -26.28 18.73
C PHE B 378 9.53 -27.50 19.14
N LEU B 379 9.42 -28.61 18.39
CA LEU B 379 10.31 -29.75 18.58
C LEU B 379 11.72 -29.34 18.15
N ASP B 380 11.80 -28.68 16.99
CA ASP B 380 13.04 -28.29 16.36
C ASP B 380 13.26 -26.79 16.58
N PRO B 381 14.30 -26.39 17.34
CA PRO B 381 14.58 -24.97 17.56
C PRO B 381 14.84 -24.18 16.27
N ARG B 382 15.31 -24.85 15.22
CA ARG B 382 15.63 -24.20 13.95
C ARG B 382 14.40 -23.69 13.22
N ASP B 383 13.27 -24.36 13.47
CA ASP B 383 11.99 -24.02 12.89
C ASP B 383 11.51 -22.73 13.55
N SER B 384 11.78 -22.59 14.85
CA SER B 384 11.42 -21.37 15.52
C SER B 384 12.30 -20.19 15.08
N GLN B 385 13.62 -20.37 15.02
CA GLN B 385 14.53 -19.39 14.41
C GLN B 385 14.10 -18.98 12.98
N GLU B 386 13.70 -19.92 12.12
CA GLU B 386 13.29 -19.58 10.75
C GLU B 386 12.05 -18.67 10.72
N ALA B 387 11.04 -18.96 11.52
CA ALA B 387 9.89 -18.07 11.53
C ALA B 387 10.27 -16.69 12.05
N LEU B 388 11.17 -16.62 13.04
CA LEU B 388 11.59 -15.32 13.54
C LEU B 388 12.31 -14.53 12.46
N LYS B 389 13.19 -15.19 11.68
CA LYS B 389 13.94 -14.51 10.65
C LYS B 389 13.00 -13.97 9.58
N GLU B 390 11.91 -14.70 9.28
CA GLU B 390 11.06 -14.31 8.18
C GLU B 390 10.11 -13.20 8.65
N ALA B 391 9.60 -13.37 9.87
CA ALA B 391 8.79 -12.31 10.46
C ALA B 391 9.56 -11.00 10.42
N GLU B 392 10.83 -11.01 10.85
CA GLU B 392 11.67 -9.83 10.91
C GLU B 392 11.97 -9.24 9.53
N ALA B 393 12.30 -10.08 8.55
CA ALA B 393 12.48 -9.59 7.19
C ALA B 393 11.18 -8.98 6.64
N ALA B 394 10.04 -9.65 6.88
CA ALA B 394 8.73 -9.19 6.42
C ALA B 394 8.41 -7.83 7.00
N GLU B 395 8.76 -7.66 8.29
CA GLU B 395 8.50 -6.42 9.01
C GLU B 395 9.37 -5.30 8.44
N ARG B 396 10.66 -5.56 8.20
CA ARG B 396 11.55 -4.52 7.70
C ARG B 396 11.05 -4.11 6.32
N LYS B 397 10.49 -5.07 5.59
CA LYS B 397 10.03 -4.83 4.23
C LYS B 397 8.78 -3.92 4.20
N TRP B 398 7.74 -4.26 4.97
CA TRP B 398 6.41 -3.65 4.88
C TRP B 398 6.21 -2.56 5.94
N ARG B 399 7.22 -2.25 6.74
CA ARG B 399 7.03 -1.31 7.84
C ARG B 399 6.40 -0.03 7.32
N ARG B 400 5.18 0.26 7.79
CA ARG B 400 4.61 1.61 7.74
C ARG B 400 5.46 2.62 8.57
N LEU B 401 5.48 3.91 8.24
CA LEU B 401 5.74 4.83 9.34
C LEU B 401 4.39 5.08 10.07
N1 FMN C . 12.88 20.53 -14.17
C2 FMN C . 12.21 20.20 -13.03
O2 FMN C . 12.37 20.89 -11.98
N3 FMN C . 11.32 19.12 -13.01
C4 FMN C . 11.06 18.36 -14.07
O4 FMN C . 10.29 17.44 -13.99
C4A FMN C . 11.76 18.66 -15.33
N5 FMN C . 11.56 17.89 -16.42
C5A FMN C . 12.30 18.11 -17.54
C6 FMN C . 12.09 17.31 -18.64
C7 FMN C . 12.78 17.55 -19.82
C7M FMN C . 12.51 16.60 -20.97
C8 FMN C . 13.77 18.66 -19.91
C8M FMN C . 14.55 18.92 -21.18
C9 FMN C . 13.95 19.49 -18.83
C9A FMN C . 13.26 19.25 -17.64
N10 FMN C . 13.45 20.06 -16.50
C10 FMN C . 12.72 19.78 -15.31
C1' FMN C . 14.44 21.12 -16.44
C2' FMN C . 15.78 20.34 -16.26
O2' FMN C . 15.74 19.68 -15.01
C3' FMN C . 17.09 21.15 -16.34
O3' FMN C . 17.11 22.37 -15.58
C4' FMN C . 17.21 21.54 -17.82
O4' FMN C . 17.08 20.35 -18.60
C5' FMN C . 18.52 22.28 -18.06
O5' FMN C . 19.48 21.32 -17.71
P FMN C . 20.44 20.71 -18.83
O1P FMN C . 21.01 21.93 -19.47
O2P FMN C . 19.52 19.85 -19.63
O3P FMN C . 21.47 19.81 -18.16
C1 KSW D . 8.17 19.68 -14.99
C2 KSW D . 8.93 20.55 -15.94
C3 KSW D . 8.93 20.61 -17.28
C4 KSW D . 10.00 21.51 -17.81
C5 KSW D . 10.63 22.16 -16.58
C6 KSW D . 9.88 21.54 -15.43
O1 KSW D . 10.07 21.81 -14.23
C1 KSW E . 5.27 17.88 -23.50
C2 KSW E . 6.01 18.44 -22.32
C3 KSW E . 6.70 19.60 -22.17
C4 KSW E . 7.31 19.74 -20.81
C5 KSW E . 6.75 18.58 -20.02
C6 KSW E . 6.03 17.71 -21.03
O1 KSW E . 5.53 16.59 -20.82
N1 FMN F . -14.05 -20.03 14.10
C2 FMN F . -14.17 -19.11 13.09
O2 FMN F . -14.77 -19.37 12.05
N3 FMN F . -13.59 -17.87 13.14
C4 FMN F . -12.86 -17.44 14.16
O4 FMN F . -12.39 -16.32 14.12
C4A FMN F . -12.67 -18.29 15.29
N5 FMN F . -11.93 -17.88 16.36
C5A FMN F . -11.70 -18.74 17.34
C6 FMN F . -10.94 -18.35 18.39
C7 FMN F . -10.72 -19.23 19.47
C7M FMN F . -9.85 -18.77 20.59
C8 FMN F . -11.30 -20.62 19.49
C8M FMN F . -11.05 -21.58 20.64
C9 FMN F . -12.11 -20.99 18.42
C9A FMN F . -12.31 -20.11 17.32
N10 FMN F . -13.11 -20.52 16.20
C10 FMN F . -13.30 -19.64 15.16
C1' FMN F . -13.69 -21.84 16.06
C2' FMN F . -12.49 -22.73 15.69
O2' FMN F . -12.02 -22.38 14.40
C3' FMN F . -12.75 -24.23 15.75
O3' FMN F . -13.86 -24.50 14.91
C4' FMN F . -12.95 -24.71 17.20
O4' FMN F . -11.85 -24.35 18.05
C5' FMN F . -12.93 -26.20 17.30
O5' FMN F . -11.77 -26.77 16.69
P FMN F . -10.64 -27.47 17.63
O1P FMN F . -11.44 -28.64 18.23
O2P FMN F . -10.30 -26.24 18.42
O3P FMN F . -9.54 -27.87 16.67
C1 KSW G . -16.31 -19.25 17.54
C2 KSW G . -15.76 -17.89 17.26
C3 KSW G . -15.13 -17.00 18.07
C4 KSW G . -14.70 -15.77 17.35
C5 KSW G . -15.37 -15.87 16.00
C6 KSW G . -15.86 -17.28 15.93
O1 KSW G . -16.27 -17.83 14.90
MG MG H . 1.09 -25.82 2.67
#